data_2E4W
#
_entry.id   2E4W
#
_cell.length_a   83.739
_cell.length_b   97.313
_cell.length_c   107.814
_cell.angle_alpha   90.00
_cell.angle_beta   92.94
_cell.angle_gamma   90.00
#
_symmetry.space_group_name_H-M   'P 1 21 1'
#
loop_
_entity.id
_entity.type
_entity.pdbx_description
1 polymer 'Metabotropic glutamate receptor 3'
2 non-polymer 2-acetamido-2-deoxy-beta-D-glucopyranose
3 non-polymer '(1S,3S)-1-aminocyclopentane-1,3-dicarboxylic acid'
4 water water
#
_entity_poly.entity_id   1
_entity_poly.type   'polypeptide(L)'
_entity_poly.pdbx_seq_one_letter_code
;DHNFMRREIKIEGDLVLGGLFPINEKGTGTEECGRINEDRGIQRLEAMLFAIDEINKDNYLLPGVKLGVHILDTCSRDTY
ALEQSLEFVRASLTKVDEAEYMCPDGSYAIQENIPLLIAGVIGGSYSSVSIQVANLLRLFQIPQISYASTSAKLSDKSRY
DYFARTVPPDFYQAKAMAEILRFFNWTYVSTVASEGDYGETGIEAFEQEARLRNICIATAEKVGRSNIRKSYDSVIRELL
QKPNARVVVLFMRSDDSRELIAAANRVNASFTWVASDGWGAQESIVKGSEHVAYGAITLELASHPVRQFDRYFQSLNPYN
NHRNPWFRDFWEQKFQCSLQNKRNHRQVCDKHLAIDSSNYEQESKIMFVVNAVYAMAHALHKMQRTLCPQTTKLCDAMKI
LDGKKLYKEYLLKIQFTAPFNPNKGADSIVKFDTFGDGMGRYNVFNLQQTGGKYSYLKVGHWAETLSLDVDSIHWSRNSV
PTSQCSDPCAPNEMKNMQPGDVCCWICIPCEPYEYLVDEFTCMDCGPGQWPTADLSGCYNLPEDYIKWEDALVPR
;
_entity_poly.pdbx_strand_id   A,B
#
# COMPACT_ATOMS: atom_id res chain seq x y z
N ARG A 6 14.65 -13.18 22.51
CA ARG A 6 13.49 -12.23 22.54
C ARG A 6 13.77 -10.97 23.36
N ARG A 7 14.77 -10.19 22.94
CA ARG A 7 15.09 -8.98 23.67
C ARG A 7 14.34 -7.74 23.19
N GLU A 8 14.10 -6.84 24.12
CA GLU A 8 13.38 -5.61 23.83
C GLU A 8 13.45 -4.66 25.02
N ILE A 9 13.05 -3.42 24.80
CA ILE A 9 13.02 -2.43 25.86
C ILE A 9 11.59 -1.96 25.97
N LYS A 10 10.99 -2.22 27.13
CA LYS A 10 9.63 -1.81 27.41
C LYS A 10 9.60 -0.90 28.62
N ILE A 11 9.29 0.37 28.40
CA ILE A 11 9.22 1.32 29.49
C ILE A 11 7.83 1.92 29.41
N GLU A 12 7.06 1.82 30.48
CA GLU A 12 5.71 2.34 30.49
C GLU A 12 5.66 3.87 30.55
N GLY A 13 4.52 4.41 30.14
CA GLY A 13 4.32 5.85 30.16
C GLY A 13 2.88 6.16 29.77
N ASP A 14 2.50 7.43 29.87
CA ASP A 14 1.14 7.81 29.50
C ASP A 14 0.94 7.60 28.01
N LEU A 15 2.02 7.77 27.25
CA LEU A 15 2.00 7.59 25.80
C LEU A 15 3.30 6.87 25.49
N VAL A 16 3.25 5.90 24.57
CA VAL A 16 4.43 5.14 24.22
C VAL A 16 4.83 5.24 22.76
N LEU A 17 6.14 5.39 22.53
CA LEU A 17 6.70 5.47 21.18
C LEU A 17 7.49 4.19 20.87
N GLY A 18 7.16 3.54 19.76
CA GLY A 18 7.90 2.35 19.38
C GLY A 18 9.19 2.81 18.73
N GLY A 19 10.21 1.97 18.78
CA GLY A 19 11.47 2.31 18.15
C GLY A 19 12.06 1.10 17.47
N LEU A 20 12.77 1.31 16.36
CA LEU A 20 13.40 0.23 15.60
C LEU A 20 14.84 0.58 15.24
N PHE A 21 15.76 -0.33 15.55
CA PHE A 21 17.15 -0.08 15.26
C PHE A 21 17.88 -1.32 14.82
N PRO A 22 18.87 -1.17 13.94
CA PRO A 22 19.61 -2.36 13.51
C PRO A 22 20.66 -2.64 14.60
N ILE A 23 20.19 -2.96 15.80
CA ILE A 23 21.04 -3.26 16.94
C ILE A 23 22.06 -4.34 16.59
N ASN A 24 21.59 -5.35 15.88
CA ASN A 24 22.48 -6.41 15.48
C ASN A 24 22.60 -6.43 13.98
N GLU A 25 23.69 -7.02 13.52
CA GLU A 25 23.97 -7.16 12.11
C GLU A 25 23.07 -8.29 11.61
N LYS A 26 22.95 -8.41 10.29
CA LYS A 26 22.16 -9.48 9.69
C LYS A 26 22.76 -10.84 10.07
N GLY A 27 21.90 -11.79 10.42
CA GLY A 27 22.40 -13.11 10.77
C GLY A 27 22.88 -13.82 9.52
N THR A 28 23.98 -14.56 9.64
CA THR A 28 24.53 -15.28 8.49
C THR A 28 23.93 -16.68 8.37
N GLY A 29 23.57 -17.07 7.16
CA GLY A 29 22.99 -18.38 6.95
C GLY A 29 21.67 -18.60 7.65
N THR A 30 21.64 -19.55 8.58
CA THR A 30 20.40 -19.87 9.31
C THR A 30 20.03 -18.89 10.41
N GLU A 31 21.03 -18.40 11.16
CA GLU A 31 20.76 -17.45 12.25
C GLU A 31 20.14 -16.16 11.71
N GLU A 32 19.27 -15.54 12.50
CA GLU A 32 18.60 -14.31 12.09
C GLU A 32 19.33 -13.03 12.46
N CYS A 33 20.10 -13.06 13.54
CA CYS A 33 20.85 -11.90 13.99
C CYS A 33 22.29 -12.29 14.18
N GLY A 34 23.20 -11.34 13.94
CA GLY A 34 24.62 -11.62 14.11
C GLY A 34 25.27 -10.74 15.16
N ARG A 35 26.42 -10.17 14.82
CA ARG A 35 27.16 -9.31 15.75
C ARG A 35 26.49 -7.96 16.01
N ILE A 36 26.96 -7.30 17.06
CA ILE A 36 26.40 -6.02 17.44
C ILE A 36 26.85 -4.89 16.50
N ASN A 37 25.90 -4.03 16.15
CA ASN A 37 26.16 -2.88 15.31
C ASN A 37 26.34 -1.78 16.37
N GLU A 38 27.59 -1.49 16.69
CA GLU A 38 27.94 -0.51 17.72
C GLU A 38 27.51 0.93 17.48
N ASP A 39 27.94 1.51 16.38
CA ASP A 39 27.61 2.90 16.06
C ASP A 39 26.18 3.07 15.53
N ARG A 40 25.88 2.41 14.42
CA ARG A 40 24.55 2.57 13.85
C ARG A 40 23.45 1.84 14.61
N GLY A 41 23.82 0.99 15.54
CA GLY A 41 22.82 0.29 16.31
C GLY A 41 22.69 0.77 17.74
N ILE A 42 23.66 0.43 18.57
CA ILE A 42 23.66 0.77 19.99
C ILE A 42 23.57 2.28 20.23
N GLN A 43 24.44 3.06 19.59
CA GLN A 43 24.44 4.51 19.76
C GLN A 43 23.09 5.13 19.42
N ARG A 44 22.54 4.77 18.26
CA ARG A 44 21.26 5.31 17.84
C ARG A 44 20.17 4.93 18.83
N LEU A 45 20.24 3.70 19.34
CA LEU A 45 19.28 3.22 20.32
C LEU A 45 19.38 4.09 21.58
N GLU A 46 20.59 4.24 22.11
CA GLU A 46 20.80 5.04 23.30
C GLU A 46 20.40 6.49 23.05
N ALA A 47 20.59 6.96 21.83
CA ALA A 47 20.20 8.33 21.50
C ALA A 47 18.69 8.53 21.68
N MET A 48 17.88 7.51 21.37
CA MET A 48 16.43 7.63 21.55
C MET A 48 16.12 7.59 23.03
N LEU A 49 16.84 6.76 23.77
CA LEU A 49 16.64 6.65 25.20
C LEU A 49 16.99 8.02 25.78
N PHE A 50 18.09 8.58 25.30
CA PHE A 50 18.54 9.90 25.72
C PHE A 50 17.45 10.95 25.45
N ALA A 51 16.93 10.99 24.23
CA ALA A 51 15.91 11.97 23.89
C ALA A 51 14.65 11.83 24.77
N ILE A 52 14.23 10.60 25.00
CA ILE A 52 13.07 10.34 25.84
C ILE A 52 13.30 10.83 27.27
N ASP A 53 14.48 10.58 27.81
CA ASP A 53 14.79 11.04 29.17
C ASP A 53 14.71 12.56 29.22
N GLU A 54 15.37 13.23 28.27
CA GLU A 54 15.35 14.68 28.23
C GLU A 54 13.92 15.19 28.16
N ILE A 55 13.15 14.67 27.20
CA ILE A 55 11.77 15.10 27.05
C ILE A 55 11.01 14.87 28.36
N ASN A 56 11.30 13.78 29.05
CA ASN A 56 10.58 13.50 30.31
C ASN A 56 11.00 14.43 31.46
N LYS A 57 12.05 15.23 31.26
CA LYS A 57 12.49 16.19 32.28
C LYS A 57 12.18 17.61 31.80
N ASP A 58 11.56 17.73 30.63
CA ASP A 58 11.28 19.03 30.04
C ASP A 58 9.89 19.55 30.42
N ASN A 59 9.86 20.56 31.28
CA ASN A 59 8.60 21.14 31.74
C ASN A 59 7.81 21.92 30.68
N TYR A 60 8.42 22.17 29.53
CA TYR A 60 7.71 22.91 28.49
C TYR A 60 7.27 22.04 27.32
N LEU A 61 7.67 20.78 27.34
CA LEU A 61 7.31 19.84 26.27
C LEU A 61 6.68 18.61 26.89
N LEU A 62 5.39 18.44 26.69
CA LEU A 62 4.70 17.28 27.24
C LEU A 62 4.85 17.24 28.76
N PRO A 63 4.64 18.37 29.45
CA PRO A 63 4.79 18.28 30.90
C PRO A 63 3.54 17.51 31.33
N GLY A 64 3.64 16.63 32.32
CA GLY A 64 2.42 15.92 32.68
C GLY A 64 2.07 14.71 31.81
N VAL A 65 2.84 14.46 30.75
CA VAL A 65 2.60 13.29 29.90
C VAL A 65 3.93 12.57 29.72
N LYS A 66 4.18 11.56 30.54
CA LYS A 66 5.44 10.82 30.45
C LYS A 66 5.45 9.90 29.23
N LEU A 67 6.56 9.93 28.50
CA LEU A 67 6.71 9.11 27.30
C LEU A 67 7.45 7.83 27.62
N GLY A 68 6.84 6.70 27.25
CA GLY A 68 7.50 5.42 27.44
C GLY A 68 8.01 4.96 26.08
N VAL A 69 8.56 3.76 26.01
CA VAL A 69 9.03 3.27 24.73
C VAL A 69 8.89 1.76 24.64
N HIS A 70 8.93 1.29 23.41
CA HIS A 70 8.93 -0.12 23.11
C HIS A 70 9.90 -0.21 21.96
N ILE A 71 11.16 -0.45 22.28
CA ILE A 71 12.20 -0.52 21.26
C ILE A 71 12.58 -1.95 20.88
N LEU A 72 12.61 -2.21 19.58
CA LEU A 72 12.95 -3.53 19.07
C LEU A 72 14.12 -3.51 18.10
N ASP A 73 14.81 -4.64 18.00
CA ASP A 73 15.94 -4.85 17.13
C ASP A 73 15.39 -5.23 15.74
N THR A 74 16.00 -4.75 14.66
CA THR A 74 15.55 -5.09 13.32
C THR A 74 16.50 -6.10 12.71
N CYS A 75 17.61 -6.33 13.41
CA CYS A 75 18.66 -7.24 12.96
C CYS A 75 19.02 -7.00 11.50
N SER A 76 18.85 -5.75 11.08
CA SER A 76 19.19 -5.32 9.72
C SER A 76 18.45 -6.07 8.63
N ARG A 77 17.24 -6.56 8.91
CA ARG A 77 16.49 -7.28 7.89
C ARG A 77 15.04 -6.86 7.87
N ASP A 78 14.59 -6.40 6.72
CA ASP A 78 13.20 -5.98 6.60
C ASP A 78 12.19 -7.02 7.10
N THR A 79 12.35 -8.29 6.72
CA THR A 79 11.38 -9.30 7.17
C THR A 79 11.37 -9.45 8.66
N TYR A 80 12.54 -9.36 9.28
CA TYR A 80 12.64 -9.48 10.73
C TYR A 80 12.01 -8.26 11.39
N ALA A 81 12.30 -7.07 10.86
CA ALA A 81 11.75 -5.83 11.42
C ALA A 81 10.22 -5.86 11.32
N LEU A 82 9.73 -6.39 10.20
CA LEU A 82 8.30 -6.48 9.96
C LEU A 82 7.63 -7.38 11.00
N GLU A 83 8.21 -8.54 11.27
CA GLU A 83 7.61 -9.44 12.25
C GLU A 83 7.63 -8.80 13.62
N GLN A 84 8.73 -8.15 13.95
CA GLN A 84 8.85 -7.48 15.24
C GLN A 84 7.75 -6.44 15.37
N SER A 85 7.56 -5.65 14.31
CA SER A 85 6.59 -4.57 14.32
C SER A 85 5.17 -4.99 14.62
N LEU A 86 4.86 -6.26 14.39
CA LEU A 86 3.53 -6.78 14.67
C LEU A 86 3.25 -6.46 16.14
N GLU A 87 4.31 -6.40 16.93
CA GLU A 87 4.19 -6.09 18.34
C GLU A 87 3.55 -4.72 18.55
N PHE A 88 3.81 -3.79 17.65
CA PHE A 88 3.27 -2.45 17.76
C PHE A 88 1.78 -2.36 17.46
N VAL A 89 1.25 -3.28 16.66
CA VAL A 89 -0.15 -3.24 16.27
C VAL A 89 -1.08 -4.14 17.05
N ARG A 90 -0.54 -5.19 17.65
CA ARG A 90 -1.36 -6.10 18.45
C ARG A 90 -1.73 -5.27 19.65
N ALA A 91 -0.87 -4.31 19.93
CA ALA A 91 -1.01 -3.38 21.04
C ALA A 91 -2.37 -2.67 20.99
N SER A 92 -2.71 -2.12 19.82
CA SER A 92 -3.96 -1.39 19.63
C SER A 92 -5.19 -2.32 19.53
N LEU A 93 -5.26 -3.30 20.44
CA LEU A 93 -6.38 -4.24 20.46
C LEU A 93 -6.93 -4.36 21.87
N ILE A 114 -0.09 -6.45 29.17
CA ILE A 114 1.25 -6.74 28.65
C ILE A 114 1.62 -5.91 27.41
N PRO A 115 0.75 -5.89 26.38
CA PRO A 115 1.02 -5.12 25.16
C PRO A 115 0.80 -3.61 25.31
N LEU A 116 1.84 -2.84 25.00
CA LEU A 116 1.78 -1.38 25.11
C LEU A 116 1.23 -0.71 23.87
N LEU A 117 0.28 0.20 24.05
CA LEU A 117 -0.33 0.94 22.95
C LEU A 117 0.69 1.92 22.38
N ILE A 118 0.90 1.85 21.07
CA ILE A 118 1.88 2.71 20.42
C ILE A 118 1.30 3.97 19.78
N ALA A 119 1.79 5.12 20.20
CA ALA A 119 1.35 6.39 19.65
C ALA A 119 2.00 6.65 18.28
N GLY A 120 3.27 6.28 18.17
CA GLY A 120 4.00 6.47 16.94
C GLY A 120 5.27 5.68 17.01
N VAL A 121 5.89 5.41 15.87
CA VAL A 121 7.10 4.64 15.80
C VAL A 121 8.28 5.42 15.24
N ILE A 122 9.40 5.30 15.93
CA ILE A 122 10.61 5.98 15.53
C ILE A 122 11.54 4.97 14.93
N GLY A 123 11.79 5.07 13.64
CA GLY A 123 12.69 4.10 13.14
C GLY A 123 12.62 3.55 11.76
N GLY A 124 13.65 2.74 11.58
CA GLY A 124 13.95 2.08 10.36
C GLY A 124 15.24 2.83 10.04
N SER A 125 16.33 2.09 9.90
CA SER A 125 17.57 2.69 9.47
C SER A 125 17.56 2.33 7.98
N TYR A 126 17.64 1.03 7.69
CA TYR A 126 17.61 0.55 6.32
C TYR A 126 16.27 0.89 5.66
N SER A 127 16.33 1.46 4.46
CA SER A 127 15.12 1.81 3.74
C SER A 127 14.18 0.61 3.58
N SER A 128 14.77 -0.56 3.39
CA SER A 128 13.97 -1.75 3.21
C SER A 128 13.15 -2.06 4.45
N VAL A 129 13.68 -1.85 5.66
CA VAL A 129 12.86 -2.14 6.84
C VAL A 129 11.84 -1.04 7.00
N SER A 130 12.24 0.22 6.81
CA SER A 130 11.31 1.32 6.95
C SER A 130 10.10 1.14 6.01
N ILE A 131 10.39 0.77 4.78
CA ILE A 131 9.33 0.54 3.79
C ILE A 131 8.36 -0.55 4.24
N GLN A 132 8.86 -1.75 4.54
CA GLN A 132 7.98 -2.82 4.98
C GLN A 132 7.23 -2.46 6.26
N VAL A 133 7.91 -1.81 7.20
CA VAL A 133 7.25 -1.42 8.44
C VAL A 133 6.14 -0.42 8.14
N ALA A 134 6.43 0.48 7.20
CA ALA A 134 5.46 1.49 6.80
C ALA A 134 4.23 0.84 6.18
N ASN A 135 4.40 -0.25 5.44
CA ASN A 135 3.24 -0.91 4.83
C ASN A 135 2.34 -1.50 5.91
N LEU A 136 2.92 -1.85 7.04
CA LEU A 136 2.14 -2.40 8.13
C LEU A 136 1.49 -1.30 9.00
N LEU A 137 2.31 -0.35 9.43
CA LEU A 137 1.84 0.72 10.30
C LEU A 137 0.69 1.55 9.74
N ARG A 138 0.70 1.80 8.43
CA ARG A 138 -0.37 2.60 7.82
C ARG A 138 -1.74 1.94 7.98
N LEU A 139 -1.75 0.62 8.04
CA LEU A 139 -2.99 -0.13 8.19
C LEU A 139 -3.65 0.18 9.54
N PHE A 140 -2.87 0.60 10.52
CA PHE A 140 -3.43 0.91 11.84
C PHE A 140 -3.23 2.39 12.17
N GLN A 141 -2.98 3.20 11.14
CA GLN A 141 -2.81 4.63 11.32
C GLN A 141 -1.79 5.01 12.38
N ILE A 142 -0.61 4.42 12.28
CA ILE A 142 0.44 4.71 13.23
C ILE A 142 1.55 5.49 12.54
N PRO A 143 1.73 6.76 12.92
CA PRO A 143 2.78 7.57 12.30
C PRO A 143 4.17 7.00 12.59
N GLN A 144 5.05 7.17 11.61
CA GLN A 144 6.39 6.63 11.71
C GLN A 144 7.36 7.65 11.17
N ILE A 145 8.47 7.84 11.89
CA ILE A 145 9.48 8.80 11.48
C ILE A 145 10.81 8.10 11.43
N SER A 146 11.41 8.03 10.25
CA SER A 146 12.71 7.41 10.16
C SER A 146 13.78 8.50 10.32
N TYR A 147 14.90 8.12 10.93
CA TYR A 147 16.01 9.01 11.19
C TYR A 147 17.15 8.71 10.23
N ALA A 148 16.93 7.85 9.26
CA ALA A 148 18.02 7.51 8.36
C ALA A 148 17.61 6.97 6.99
N SER A 149 16.42 6.42 6.85
CA SER A 149 15.99 5.84 5.55
C SER A 149 15.91 6.89 4.44
N THR A 150 16.76 6.77 3.43
CA THR A 150 16.80 7.75 2.35
C THR A 150 16.15 7.38 0.99
N SER A 151 15.66 6.16 0.84
CA SER A 151 15.06 5.79 -0.44
C SER A 151 14.02 6.78 -0.95
N ALA A 152 14.10 7.10 -2.24
CA ALA A 152 13.14 8.04 -2.84
C ALA A 152 11.71 7.47 -2.81
N LYS A 153 11.59 6.16 -2.76
CA LYS A 153 10.27 5.53 -2.73
C LYS A 153 9.41 5.98 -1.57
N LEU A 154 10.05 6.26 -0.44
CA LEU A 154 9.32 6.68 0.75
C LEU A 154 8.67 8.06 0.62
N SER A 155 8.97 8.77 -0.46
CA SER A 155 8.38 10.10 -0.69
C SER A 155 6.95 9.92 -1.22
N ASP A 156 6.63 8.72 -1.68
CA ASP A 156 5.30 8.44 -2.22
C ASP A 156 4.25 8.37 -1.12
N LYS A 157 3.47 9.44 -0.97
CA LYS A 157 2.45 9.48 0.06
C LYS A 157 1.19 8.69 -0.27
N SER A 158 1.13 8.10 -1.47
CA SER A 158 -0.04 7.31 -1.82
C SER A 158 0.20 5.87 -1.33
N ARG A 159 1.43 5.58 -0.97
CA ARG A 159 1.78 4.25 -0.45
C ARG A 159 2.27 4.35 0.99
N TYR A 160 3.07 5.36 1.30
CA TYR A 160 3.58 5.49 2.66
C TYR A 160 3.02 6.77 3.32
N ASP A 161 1.70 6.80 3.41
CA ASP A 161 0.97 7.95 3.94
C ASP A 161 1.02 8.21 5.44
N TYR A 162 1.75 7.40 6.19
CA TYR A 162 1.89 7.60 7.61
C TYR A 162 3.37 7.67 7.94
N PHE A 163 4.16 7.82 6.89
CA PHE A 163 5.62 7.89 6.99
C PHE A 163 6.19 9.29 6.75
N ALA A 164 7.18 9.63 7.56
CA ALA A 164 7.87 10.90 7.46
C ALA A 164 9.30 10.57 7.87
N ARG A 165 10.22 11.51 7.69
CA ARG A 165 11.60 11.26 8.02
C ARG A 165 12.33 12.61 8.22
N THR A 166 13.40 12.59 8.99
CA THR A 166 14.16 13.79 9.25
C THR A 166 15.35 13.86 8.31
N VAL A 167 15.31 13.06 7.25
CA VAL A 167 16.40 13.03 6.28
C VAL A 167 15.82 13.16 4.86
N PRO A 168 16.63 13.61 3.89
CA PRO A 168 16.13 13.77 2.51
C PRO A 168 16.18 12.48 1.66
N PRO A 169 15.45 12.47 0.52
CA PRO A 169 15.41 11.33 -0.38
C PRO A 169 16.66 11.29 -1.26
N ASP A 170 17.06 10.09 -1.67
CA ASP A 170 18.27 9.93 -2.47
C ASP A 170 18.20 10.53 -3.87
N PHE A 171 17.07 11.15 -4.17
CA PHE A 171 16.91 11.83 -5.45
C PHE A 171 18.05 12.83 -5.49
N TYR A 172 18.35 13.43 -4.34
CA TYR A 172 19.43 14.41 -4.24
C TYR A 172 20.83 13.83 -4.09
N GLN A 173 20.97 12.77 -3.29
CA GLN A 173 22.29 12.17 -3.10
C GLN A 173 22.85 11.69 -4.44
N ALA A 174 21.97 11.19 -5.30
CA ALA A 174 22.39 10.70 -6.62
C ALA A 174 22.95 11.88 -7.43
N LYS A 175 22.30 13.04 -7.33
CA LYS A 175 22.75 14.21 -8.05
C LYS A 175 24.12 14.63 -7.55
N ALA A 176 24.29 14.66 -6.23
CA ALA A 176 25.58 15.04 -5.66
C ALA A 176 26.69 14.15 -6.19
N MET A 177 26.47 12.84 -6.17
CA MET A 177 27.47 11.89 -6.66
C MET A 177 27.76 12.07 -8.15
N ALA A 178 26.72 12.28 -8.96
CA ALA A 178 26.89 12.47 -10.39
C ALA A 178 27.66 13.74 -10.68
N GLU A 179 27.36 14.82 -9.95
CA GLU A 179 28.05 16.08 -10.17
C GLU A 179 29.51 16.01 -9.75
N ILE A 180 29.83 15.15 -8.79
CA ILE A 180 31.21 15.02 -8.37
C ILE A 180 31.97 14.39 -9.52
N LEU A 181 31.44 13.31 -10.08
CA LEU A 181 32.08 12.65 -11.20
C LEU A 181 32.23 13.62 -12.37
N ARG A 182 31.15 14.31 -12.71
CA ARG A 182 31.16 15.27 -13.81
C ARG A 182 32.20 16.37 -13.61
N PHE A 183 32.51 16.65 -12.35
CA PHE A 183 33.49 17.68 -12.01
C PHE A 183 34.90 17.25 -12.39
N PHE A 184 35.32 16.10 -11.89
CA PHE A 184 36.65 15.58 -12.18
C PHE A 184 36.68 14.90 -13.55
N ASN A 185 35.60 15.10 -14.30
CA ASN A 185 35.47 14.53 -15.63
C ASN A 185 35.55 13.01 -15.72
N TRP A 186 35.07 12.32 -14.69
CA TRP A 186 35.06 10.86 -14.70
C TRP A 186 33.84 10.48 -15.52
N THR A 187 34.07 10.20 -16.80
CA THR A 187 33.00 9.87 -17.74
C THR A 187 32.86 8.37 -17.98
N TYR A 188 33.82 7.60 -17.48
CA TYR A 188 33.78 6.15 -17.66
C TYR A 188 33.91 5.51 -16.28
N VAL A 189 32.78 5.17 -15.68
CA VAL A 189 32.80 4.57 -14.35
C VAL A 189 31.95 3.32 -14.29
N SER A 190 32.24 2.47 -13.32
CA SER A 190 31.48 1.25 -13.10
C SER A 190 30.64 1.49 -11.85
N THR A 191 29.54 0.77 -11.72
CA THR A 191 28.67 0.92 -10.55
C THR A 191 28.29 -0.44 -10.00
N VAL A 192 28.16 -0.50 -8.68
CA VAL A 192 27.74 -1.72 -8.00
C VAL A 192 26.69 -1.26 -6.99
N ALA A 193 25.55 -1.93 -7.00
CA ALA A 193 24.47 -1.56 -6.12
C ALA A 193 23.93 -2.74 -5.35
N SER A 194 23.38 -2.45 -4.17
CA SER A 194 22.78 -3.45 -3.32
C SER A 194 21.38 -3.73 -3.86
N GLU A 195 20.97 -4.99 -3.84
CA GLU A 195 19.64 -5.29 -4.28
C GLU A 195 18.75 -4.71 -3.18
N GLY A 196 17.62 -4.13 -3.57
CA GLY A 196 16.73 -3.55 -2.58
C GLY A 196 16.24 -2.16 -2.95
N ASP A 197 15.38 -1.61 -2.10
CA ASP A 197 14.83 -0.28 -2.34
C ASP A 197 15.86 0.82 -2.06
N TYR A 198 16.98 0.48 -1.44
CA TYR A 198 17.99 1.50 -1.20
C TYR A 198 19.00 1.56 -2.35
N GLY A 199 19.65 0.44 -2.62
CA GLY A 199 20.66 0.41 -3.68
C GLY A 199 20.16 0.56 -5.11
N GLU A 200 19.14 -0.20 -5.48
CA GLU A 200 18.62 -0.15 -6.84
C GLU A 200 18.00 1.19 -7.22
N THR A 201 17.06 1.68 -6.43
CA THR A 201 16.44 2.97 -6.77
C THR A 201 17.50 4.06 -6.67
N GLY A 202 18.43 3.89 -5.73
CA GLY A 202 19.50 4.86 -5.57
C GLY A 202 20.41 4.87 -6.78
N ILE A 203 20.80 3.69 -7.26
CA ILE A 203 21.67 3.61 -8.42
C ILE A 203 20.92 4.03 -9.69
N GLU A 204 19.64 3.69 -9.80
CA GLU A 204 18.87 4.08 -10.97
C GLU A 204 18.92 5.61 -11.10
N ALA A 205 18.70 6.29 -9.98
CA ALA A 205 18.72 7.75 -9.98
C ALA A 205 20.08 8.25 -10.45
N PHE A 206 21.14 7.62 -9.96
CA PHE A 206 22.50 8.01 -10.33
C PHE A 206 22.66 7.90 -11.84
N GLU A 207 22.33 6.72 -12.38
CA GLU A 207 22.42 6.47 -13.81
C GLU A 207 21.75 7.60 -14.61
N GLN A 208 20.51 7.94 -14.26
CA GLN A 208 19.81 9.02 -14.96
C GLN A 208 20.63 10.31 -14.87
N GLU A 209 21.13 10.63 -13.68
CA GLU A 209 21.92 11.84 -13.49
C GLU A 209 23.22 11.74 -14.27
N ALA A 210 23.64 10.50 -14.52
CA ALA A 210 24.88 10.26 -15.26
C ALA A 210 24.69 10.60 -16.74
N ARG A 211 23.70 9.98 -17.37
CA ARG A 211 23.42 10.24 -18.79
C ARG A 211 23.36 11.74 -19.07
N LEU A 212 22.58 12.45 -18.26
CA LEU A 212 22.40 13.89 -18.41
C LEU A 212 23.69 14.70 -18.35
N ARG A 213 24.74 14.13 -17.77
CA ARG A 213 26.03 14.83 -17.67
C ARG A 213 27.09 14.16 -18.52
N ASN A 214 26.64 13.37 -19.48
CA ASN A 214 27.54 12.65 -20.38
C ASN A 214 28.57 11.82 -19.65
N ILE A 215 28.09 10.82 -18.92
CA ILE A 215 28.94 9.91 -18.17
C ILE A 215 28.43 8.51 -18.50
N CYS A 216 29.31 7.64 -18.95
CA CYS A 216 28.90 6.28 -19.29
C CYS A 216 29.26 5.30 -18.20
N ILE A 217 28.53 4.19 -18.18
CA ILE A 217 28.77 3.15 -17.20
C ILE A 217 29.46 1.96 -17.84
N ALA A 218 30.70 1.72 -17.42
CA ALA A 218 31.48 0.60 -17.94
C ALA A 218 30.72 -0.68 -17.70
N THR A 219 30.36 -0.92 -16.44
CA THR A 219 29.62 -2.11 -16.07
C THR A 219 28.78 -1.86 -14.83
N ALA A 220 27.53 -2.31 -14.86
CA ALA A 220 26.62 -2.14 -13.75
C ALA A 220 26.50 -3.43 -12.96
N GLU A 221 27.19 -3.49 -11.82
CA GLU A 221 27.16 -4.69 -10.97
C GLU A 221 26.18 -4.54 -9.82
N LYS A 222 25.72 -5.66 -9.28
CA LYS A 222 24.81 -5.62 -8.15
C LYS A 222 24.80 -6.91 -7.34
N VAL A 223 24.93 -6.75 -6.03
CA VAL A 223 24.94 -7.86 -5.09
C VAL A 223 23.58 -7.93 -4.39
N GLY A 224 23.13 -9.13 -4.06
CA GLY A 224 21.84 -9.27 -3.42
C GLY A 224 21.81 -9.87 -2.03
N ARG A 225 20.62 -10.30 -1.64
CA ARG A 225 20.40 -10.90 -0.32
C ARG A 225 21.17 -12.20 -0.16
N SER A 226 21.56 -12.49 1.08
CA SER A 226 22.28 -13.70 1.42
C SER A 226 23.37 -14.07 0.42
N ASN A 227 24.30 -13.15 0.19
CA ASN A 227 25.40 -13.39 -0.74
C ASN A 227 26.67 -13.70 0.05
N ILE A 228 27.45 -14.64 -0.46
CA ILE A 228 28.69 -15.04 0.21
C ILE A 228 29.89 -14.49 -0.57
N ARG A 229 31.08 -14.63 0.02
CA ARG A 229 32.31 -14.14 -0.61
C ARG A 229 32.29 -14.22 -2.13
N LYS A 230 32.13 -15.42 -2.66
CA LYS A 230 32.12 -15.67 -4.10
C LYS A 230 31.33 -14.65 -4.93
N SER A 231 30.14 -14.29 -4.46
CA SER A 231 29.32 -13.32 -5.18
C SER A 231 30.04 -11.98 -5.29
N TYR A 232 30.79 -11.62 -4.26
CA TYR A 232 31.53 -10.37 -4.27
C TYR A 232 32.83 -10.48 -5.04
N ASP A 233 33.56 -11.57 -4.85
CA ASP A 233 34.81 -11.79 -5.57
C ASP A 233 34.49 -11.66 -7.05
N SER A 234 33.35 -12.23 -7.42
CA SER A 234 32.88 -12.20 -8.79
C SER A 234 32.63 -10.77 -9.26
N VAL A 235 32.24 -9.87 -8.35
CA VAL A 235 31.99 -8.48 -8.72
C VAL A 235 33.32 -7.78 -8.93
N ILE A 236 34.29 -8.09 -8.09
CA ILE A 236 35.61 -7.49 -8.20
C ILE A 236 36.19 -7.88 -9.55
N ARG A 237 36.12 -9.16 -9.90
CA ARG A 237 36.64 -9.62 -11.17
C ARG A 237 36.07 -8.80 -12.32
N GLU A 238 34.74 -8.71 -12.36
CA GLU A 238 34.06 -7.98 -13.41
C GLU A 238 34.42 -6.49 -13.45
N LEU A 239 34.77 -5.92 -12.30
CA LEU A 239 35.15 -4.53 -12.27
C LEU A 239 36.55 -4.43 -12.86
N LEU A 240 37.36 -5.45 -12.61
CA LEU A 240 38.72 -5.50 -13.11
C LEU A 240 38.75 -5.68 -14.63
N GLN A 241 37.65 -6.18 -15.18
CA GLN A 241 37.54 -6.40 -16.62
C GLN A 241 37.19 -5.10 -17.35
N LYS A 242 37.24 -3.99 -16.62
CA LYS A 242 36.96 -2.67 -17.16
C LYS A 242 38.03 -1.78 -16.55
N PRO A 243 39.30 -2.09 -16.83
CA PRO A 243 40.47 -1.35 -16.33
C PRO A 243 40.43 0.16 -16.50
N ASN A 244 39.88 0.63 -17.61
CA ASN A 244 39.81 2.06 -17.84
C ASN A 244 38.88 2.74 -16.82
N ALA A 245 37.87 2.01 -16.39
CA ALA A 245 36.94 2.53 -15.38
C ALA A 245 37.64 2.33 -14.04
N ARG A 246 38.36 3.36 -13.59
CA ARG A 246 39.09 3.28 -12.33
C ARG A 246 38.29 3.85 -11.17
N VAL A 247 37.17 4.50 -11.49
CA VAL A 247 36.28 5.08 -10.48
C VAL A 247 35.01 4.23 -10.41
N VAL A 248 34.71 3.70 -9.23
CA VAL A 248 33.53 2.87 -9.05
C VAL A 248 32.52 3.51 -8.09
N VAL A 249 31.35 3.82 -8.62
CA VAL A 249 30.29 4.43 -7.84
C VAL A 249 29.53 3.34 -7.07
N LEU A 250 29.41 3.52 -5.75
CA LEU A 250 28.72 2.55 -4.92
C LEU A 250 27.48 3.11 -4.24
N PHE A 251 26.40 2.34 -4.32
CA PHE A 251 25.14 2.70 -3.67
C PHE A 251 24.74 1.38 -3.01
N MET A 252 25.39 1.09 -1.88
CA MET A 252 25.17 -0.15 -1.18
C MET A 252 24.89 -0.05 0.30
N ARG A 253 24.27 -1.09 0.84
CA ARG A 253 23.97 -1.17 2.26
C ARG A 253 25.31 -1.13 2.98
N SER A 254 25.29 -0.77 4.25
CA SER A 254 26.49 -0.70 5.04
C SER A 254 27.20 -2.06 5.05
N ASP A 255 26.44 -3.11 5.35
CA ASP A 255 27.01 -4.45 5.40
C ASP A 255 27.57 -4.92 4.06
N ASP A 256 26.82 -4.69 2.98
CA ASP A 256 27.27 -5.10 1.65
C ASP A 256 28.57 -4.36 1.31
N SER A 257 28.66 -3.09 1.69
CA SER A 257 29.86 -2.30 1.41
C SER A 257 31.08 -2.94 2.05
N ARG A 258 30.93 -3.35 3.30
CA ARG A 258 31.99 -3.98 4.05
C ARG A 258 32.47 -5.23 3.30
N GLU A 259 31.51 -6.00 2.76
CA GLU A 259 31.82 -7.21 2.02
C GLU A 259 32.57 -6.93 0.72
N LEU A 260 32.20 -5.85 0.04
CA LEU A 260 32.83 -5.52 -1.23
C LEU A 260 34.28 -5.08 -1.03
N ILE A 261 34.52 -4.25 -0.01
CA ILE A 261 35.86 -3.79 0.26
C ILE A 261 36.75 -4.96 0.68
N ALA A 262 36.20 -5.89 1.45
CA ALA A 262 36.94 -7.06 1.89
C ALA A 262 37.30 -7.91 0.69
N ALA A 263 36.40 -8.00 -0.27
CA ALA A 263 36.64 -8.79 -1.47
C ALA A 263 37.74 -8.16 -2.33
N ALA A 264 37.76 -6.84 -2.36
CA ALA A 264 38.77 -6.13 -3.14
C ALA A 264 40.13 -6.33 -2.49
N ASN A 265 40.13 -6.34 -1.16
CA ASN A 265 41.36 -6.50 -0.39
C ASN A 265 42.04 -7.84 -0.68
N ARG A 266 41.22 -8.88 -0.82
CA ARG A 266 41.73 -10.23 -1.09
C ARG A 266 42.61 -10.26 -2.32
N VAL A 267 42.01 -9.96 -3.48
CA VAL A 267 42.76 -9.96 -4.74
C VAL A 267 43.52 -8.64 -4.87
N ASN A 268 43.69 -7.98 -3.73
CA ASN A 268 44.40 -6.71 -3.66
C ASN A 268 44.02 -5.76 -4.80
N ALA A 269 42.75 -5.73 -5.14
CA ALA A 269 42.25 -4.84 -6.20
C ALA A 269 42.26 -3.42 -5.67
N SER A 270 42.34 -2.43 -6.56
CA SER A 270 42.36 -1.05 -6.14
C SER A 270 41.68 -0.10 -7.11
N PHE A 271 40.63 0.57 -6.64
CA PHE A 271 39.89 1.54 -7.44
C PHE A 271 39.66 2.74 -6.54
N THR A 272 39.18 3.83 -7.13
CA THR A 272 38.84 5.01 -6.37
C THR A 272 37.34 4.84 -6.16
N TRP A 273 36.92 4.67 -4.91
CA TRP A 273 35.52 4.48 -4.60
C TRP A 273 34.76 5.78 -4.33
N VAL A 274 33.51 5.81 -4.77
CA VAL A 274 32.64 6.96 -4.55
C VAL A 274 31.35 6.32 -4.02
N ALA A 275 31.22 6.28 -2.70
CA ALA A 275 30.09 5.62 -2.07
C ALA A 275 29.05 6.51 -1.43
N SER A 276 27.81 6.01 -1.34
CA SER A 276 26.72 6.74 -0.73
C SER A 276 26.77 6.59 0.78
N ASP A 277 25.83 7.21 1.48
CA ASP A 277 25.81 7.15 2.94
C ASP A 277 25.72 5.73 3.50
N GLY A 278 25.40 4.77 2.66
CA GLY A 278 25.33 3.39 3.12
C GLY A 278 26.68 3.11 3.75
N TRP A 279 27.73 3.55 3.05
CA TRP A 279 29.10 3.43 3.51
C TRP A 279 29.32 4.60 4.46
N GLY A 280 29.11 5.81 3.95
CA GLY A 280 29.25 7.00 4.77
C GLY A 280 30.63 7.24 5.36
N ALA A 281 30.66 7.65 6.61
CA ALA A 281 31.90 7.93 7.30
C ALA A 281 32.14 6.91 8.40
N GLN A 282 31.86 5.64 8.10
CA GLN A 282 32.07 4.59 9.09
C GLN A 282 33.46 3.99 8.95
N GLU A 283 34.22 4.00 10.03
CA GLU A 283 35.54 3.39 9.97
C GLU A 283 35.42 1.87 9.94
N SER A 284 34.36 1.34 10.56
CA SER A 284 34.11 -0.10 10.64
C SER A 284 33.96 -0.79 9.29
N ILE A 285 33.70 -0.01 8.25
CA ILE A 285 33.54 -0.54 6.91
C ILE A 285 34.89 -0.88 6.29
N VAL A 286 35.90 -0.07 6.60
CA VAL A 286 37.23 -0.24 6.04
C VAL A 286 38.23 -0.97 6.96
N LYS A 287 37.85 -1.21 8.21
CA LYS A 287 38.73 -1.89 9.15
C LYS A 287 39.25 -3.22 8.60
N GLY A 288 40.56 -3.31 8.43
CA GLY A 288 41.15 -4.54 7.91
C GLY A 288 41.24 -4.59 6.40
N SER A 289 41.16 -3.43 5.76
CA SER A 289 41.24 -3.33 4.30
C SER A 289 41.51 -1.87 3.96
N GLU A 290 42.04 -1.14 4.94
CA GLU A 290 42.33 0.28 4.80
C GLU A 290 43.06 0.72 3.53
N HIS A 291 44.12 0.01 3.16
CA HIS A 291 44.88 0.37 1.96
C HIS A 291 44.08 0.22 0.67
N VAL A 292 43.06 -0.63 0.70
CA VAL A 292 42.21 -0.85 -0.47
C VAL A 292 41.17 0.26 -0.65
N ALA A 293 40.73 0.84 0.46
CA ALA A 293 39.73 1.91 0.41
C ALA A 293 40.38 3.27 0.51
N TYR A 294 41.69 3.31 0.68
CA TYR A 294 42.39 4.58 0.78
C TYR A 294 42.01 5.48 -0.39
N GLY A 295 41.83 6.77 -0.10
CA GLY A 295 41.46 7.71 -1.14
C GLY A 295 40.00 7.70 -1.55
N ALA A 296 39.22 6.80 -0.96
CA ALA A 296 37.80 6.72 -1.30
C ALA A 296 37.11 8.03 -0.98
N ILE A 297 36.06 8.33 -1.74
CA ILE A 297 35.26 9.52 -1.52
C ILE A 297 33.87 9.03 -1.20
N THR A 298 33.35 9.44 -0.03
CA THR A 298 32.04 9.01 0.42
C THR A 298 31.15 10.17 0.82
N LEU A 299 29.83 9.92 0.82
CA LEU A 299 28.88 10.95 1.20
C LEU A 299 28.15 10.58 2.49
N GLU A 300 27.61 11.59 3.14
CA GLU A 300 26.83 11.38 4.35
C GLU A 300 25.94 12.60 4.49
N LEU A 301 24.83 12.44 5.19
CA LEU A 301 23.91 13.56 5.38
C LEU A 301 24.64 14.64 6.16
N ALA A 302 24.38 15.90 5.83
CA ALA A 302 25.03 17.00 6.54
C ALA A 302 24.48 17.07 7.96
N SER A 303 25.35 16.97 8.94
CA SER A 303 24.91 17.00 10.33
C SER A 303 25.99 17.55 11.26
N HIS A 304 25.61 17.77 12.50
CA HIS A 304 26.54 18.26 13.52
C HIS A 304 26.25 17.45 14.77
N PRO A 305 27.30 17.04 15.49
CA PRO A 305 27.09 16.25 16.70
C PRO A 305 26.26 16.93 17.78
N VAL A 306 25.53 16.12 18.54
CA VAL A 306 24.70 16.58 19.64
C VAL A 306 25.62 16.41 20.85
N ARG A 307 26.22 17.51 21.28
CA ARG A 307 27.16 17.51 22.39
C ARG A 307 26.70 16.87 23.67
N GLN A 308 25.49 17.23 24.11
CA GLN A 308 24.97 16.68 25.35
C GLN A 308 24.83 15.15 25.28
N PHE A 309 24.83 14.61 24.08
CA PHE A 309 24.70 13.17 23.91
C PHE A 309 26.02 12.49 24.23
N ASP A 310 27.13 13.14 23.90
CA ASP A 310 28.44 12.59 24.19
C ASP A 310 28.58 12.30 25.68
N ARG A 311 28.13 13.23 26.51
CA ARG A 311 28.21 13.06 27.96
C ARG A 311 27.42 11.83 28.39
N TYR A 312 26.16 11.78 27.97
CA TYR A 312 25.27 10.68 28.27
C TYR A 312 25.81 9.30 27.87
N PHE A 313 26.30 9.19 26.64
CA PHE A 313 26.79 7.91 26.16
C PHE A 313 28.04 7.44 26.88
N GLN A 314 28.96 8.36 27.14
CA GLN A 314 30.21 8.01 27.81
C GLN A 314 30.01 7.67 29.28
N SER A 315 28.87 8.05 29.84
CA SER A 315 28.59 7.78 31.23
C SER A 315 28.03 6.38 31.39
N LEU A 316 27.69 5.75 30.27
CA LEU A 316 27.11 4.41 30.27
C LEU A 316 28.11 3.28 30.51
N ASN A 317 27.74 2.35 31.37
CA ASN A 317 28.57 1.18 31.64
C ASN A 317 27.66 0.03 32.05
N PRO A 318 28.14 -1.22 31.99
CA PRO A 318 27.36 -2.40 32.36
C PRO A 318 26.74 -2.38 33.75
N TYR A 319 27.28 -1.55 34.62
CA TYR A 319 26.75 -1.44 35.98
C TYR A 319 25.54 -0.49 36.07
N ASN A 320 25.57 0.63 35.34
CA ASN A 320 24.45 1.58 35.38
C ASN A 320 23.44 1.52 34.24
N ASN A 321 23.72 0.68 33.24
CA ASN A 321 22.82 0.61 32.08
C ASN A 321 22.08 -0.72 31.90
N HIS A 322 21.25 -1.07 32.87
CA HIS A 322 20.50 -2.31 32.82
C HIS A 322 19.24 -2.29 31.96
N ARG A 323 18.77 -1.10 31.57
CA ARG A 323 17.55 -1.02 30.77
C ARG A 323 17.79 -1.37 29.31
N ASN A 324 19.04 -1.40 28.90
CA ASN A 324 19.41 -1.75 27.52
C ASN A 324 19.95 -3.20 27.56
N PRO A 325 19.07 -4.17 27.27
CA PRO A 325 19.43 -5.60 27.27
C PRO A 325 20.50 -6.00 26.27
N TRP A 326 20.88 -5.10 25.38
CA TRP A 326 21.93 -5.42 24.41
C TRP A 326 23.27 -4.83 24.80
N PHE A 327 23.27 -4.03 25.86
CA PHE A 327 24.51 -3.36 26.28
C PHE A 327 25.66 -4.29 26.69
N ARG A 328 25.36 -5.37 27.41
CA ARG A 328 26.42 -6.29 27.81
C ARG A 328 27.14 -6.88 26.59
N ASP A 329 26.38 -7.39 25.61
CA ASP A 329 27.00 -7.93 24.40
C ASP A 329 27.78 -6.81 23.72
N PHE A 330 27.22 -5.61 23.72
CA PHE A 330 27.87 -4.47 23.11
C PHE A 330 29.23 -4.23 23.78
N TRP A 331 29.22 -4.19 25.11
CA TRP A 331 30.42 -3.96 25.88
C TRP A 331 31.48 -5.03 25.59
N GLU A 332 31.06 -6.29 25.62
CA GLU A 332 31.99 -7.38 25.38
C GLU A 332 32.65 -7.35 24.01
N GLN A 333 31.91 -6.93 23.01
CA GLN A 333 32.44 -6.88 21.66
C GLN A 333 33.34 -5.65 21.44
N LYS A 334 32.92 -4.50 21.98
CA LYS A 334 33.71 -3.29 21.80
C LYS A 334 35.07 -3.45 22.44
N PHE A 335 35.09 -3.94 23.67
CA PHE A 335 36.34 -4.12 24.39
C PHE A 335 36.93 -5.54 24.32
N GLN A 336 36.31 -6.43 23.54
CA GLN A 336 36.81 -7.80 23.44
C GLN A 336 36.82 -8.39 24.85
N CYS A 337 35.66 -8.32 25.50
CA CYS A 337 35.47 -8.76 26.88
C CYS A 337 35.04 -10.16 27.21
N SER A 338 34.39 -10.22 28.37
CA SER A 338 33.83 -11.39 29.02
C SER A 338 33.67 -10.96 30.47
N LEU A 339 32.63 -11.44 31.12
CA LEU A 339 32.38 -11.12 32.53
C LEU A 339 31.97 -12.43 33.20
N GLN A 340 30.69 -12.74 33.06
CA GLN A 340 30.09 -13.95 33.60
C GLN A 340 28.79 -14.10 32.79
N ASN A 341 28.66 -13.23 31.79
CA ASN A 341 27.49 -13.20 30.91
C ASN A 341 27.95 -13.24 29.45
N LYS A 342 28.69 -14.30 29.09
CA LYS A 342 29.18 -14.47 27.73
C LYS A 342 29.34 -15.96 27.41
N ARG A 343 29.77 -16.26 26.19
CA ARG A 343 29.96 -17.63 25.73
C ARG A 343 31.13 -18.26 26.50
N ASN A 344 31.42 -19.52 26.18
CA ASN A 344 32.51 -20.26 26.83
C ASN A 344 33.87 -19.76 26.33
N HIS A 345 34.31 -18.60 26.81
CA HIS A 345 35.58 -18.04 26.38
C HIS A 345 36.55 -17.75 27.52
N ARG A 346 37.35 -16.69 27.35
CA ARG A 346 38.34 -16.28 28.34
C ARG A 346 38.57 -14.77 28.35
N GLN A 347 39.53 -14.34 29.16
CA GLN A 347 39.92 -12.94 29.30
C GLN A 347 38.85 -12.04 29.91
N VAL A 348 38.66 -12.13 31.22
CA VAL A 348 37.67 -11.31 31.91
C VAL A 348 37.97 -9.85 31.59
N CYS A 349 37.10 -8.94 31.99
CA CYS A 349 37.33 -7.54 31.69
C CYS A 349 37.55 -6.55 32.80
N ASP A 350 38.45 -5.60 32.52
CA ASP A 350 38.82 -4.56 33.45
C ASP A 350 37.59 -3.73 33.83
N LYS A 351 37.28 -3.71 35.12
CA LYS A 351 36.14 -2.98 35.64
C LYS A 351 36.32 -1.47 35.49
N HIS A 352 37.50 -1.06 35.02
CA HIS A 352 37.80 0.36 34.82
C HIS A 352 37.70 0.79 33.36
N LEU A 353 37.24 -0.13 32.52
CA LEU A 353 37.05 0.15 31.10
C LEU A 353 35.95 1.21 31.01
N ALA A 354 36.00 2.03 29.97
CA ALA A 354 34.99 3.06 29.80
C ALA A 354 34.88 3.56 28.37
N ILE A 355 33.68 4.03 28.03
CA ILE A 355 33.43 4.60 26.72
C ILE A 355 33.94 6.03 26.88
N ASP A 356 34.95 6.43 26.10
CA ASP A 356 35.48 7.77 26.25
C ASP A 356 36.04 8.39 24.98
N SER A 357 36.56 9.60 25.10
CA SER A 357 37.09 10.35 23.96
C SER A 357 38.15 9.64 23.13
N SER A 358 38.75 8.58 23.67
CA SER A 358 39.77 7.88 22.90
C SER A 358 39.25 6.66 22.10
N ASN A 359 38.04 6.19 22.42
CA ASN A 359 37.49 5.03 21.71
C ASN A 359 36.06 5.23 21.22
N TYR A 360 35.57 6.46 21.31
CA TYR A 360 34.22 6.77 20.91
C TYR A 360 34.10 8.07 20.12
N GLU A 361 33.30 8.04 19.06
CA GLU A 361 33.03 9.21 18.27
C GLU A 361 31.55 9.15 17.92
N GLN A 362 30.83 10.22 18.22
CA GLN A 362 29.40 10.25 17.95
C GLN A 362 29.07 9.86 16.50
N GLU A 363 28.16 8.90 16.34
CA GLU A 363 27.75 8.43 15.03
C GLU A 363 27.17 9.60 14.25
N SER A 364 27.46 9.61 12.95
CA SER A 364 27.03 10.67 12.06
C SER A 364 25.56 11.08 12.09
N LYS A 365 24.63 10.13 12.22
CA LYS A 365 23.22 10.46 12.19
C LYS A 365 22.46 10.61 13.52
N ILE A 366 23.20 10.63 14.63
CA ILE A 366 22.56 10.78 15.94
C ILE A 366 21.56 11.93 15.98
N MET A 367 21.98 13.08 15.45
CA MET A 367 21.14 14.27 15.39
C MET A 367 19.75 13.97 14.84
N PHE A 368 19.71 13.21 13.75
CA PHE A 368 18.44 12.86 13.13
C PHE A 368 17.60 11.97 14.01
N VAL A 369 18.24 11.13 14.83
CA VAL A 369 17.49 10.28 15.73
C VAL A 369 16.83 11.16 16.77
N VAL A 370 17.61 12.06 17.36
CA VAL A 370 17.10 12.96 18.40
C VAL A 370 15.99 13.83 17.82
N ASN A 371 16.21 14.41 16.65
CA ASN A 371 15.15 15.25 16.09
C ASN A 371 13.88 14.46 15.73
N ALA A 372 14.03 13.21 15.32
CA ALA A 372 12.86 12.41 14.97
C ALA A 372 11.98 12.23 16.21
N VAL A 373 12.60 11.85 17.32
CA VAL A 373 11.86 11.67 18.56
C VAL A 373 11.20 12.98 19.01
N TYR A 374 11.96 14.08 19.00
CA TYR A 374 11.39 15.38 19.39
C TYR A 374 10.26 15.83 18.46
N ALA A 375 10.38 15.51 17.17
CA ALA A 375 9.33 15.87 16.23
C ALA A 375 8.03 15.19 16.68
N MET A 376 8.13 13.90 17.01
CA MET A 376 6.97 13.15 17.46
C MET A 376 6.45 13.75 18.75
N ALA A 377 7.36 14.09 19.66
CA ALA A 377 6.96 14.68 20.95
C ALA A 377 6.25 16.01 20.75
N HIS A 378 6.80 16.89 19.92
CA HIS A 378 6.18 18.19 19.67
C HIS A 378 4.80 18.01 19.03
N ALA A 379 4.64 16.99 18.20
CA ALA A 379 3.34 16.75 17.57
C ALA A 379 2.32 16.30 18.60
N LEU A 380 2.73 15.44 19.53
CA LEU A 380 1.82 14.97 20.57
C LEU A 380 1.46 16.14 21.51
N HIS A 381 2.47 16.92 21.85
CA HIS A 381 2.28 18.07 22.72
C HIS A 381 1.25 19.06 22.16
N LYS A 382 1.40 19.40 20.88
CA LYS A 382 0.46 20.31 20.24
C LYS A 382 -0.91 19.67 20.25
N MET A 383 -0.97 18.37 19.97
CA MET A 383 -2.26 17.70 19.99
C MET A 383 -2.84 17.73 21.41
N GLN A 384 -2.01 17.51 22.43
CA GLN A 384 -2.51 17.54 23.80
C GLN A 384 -2.98 18.94 24.22
N ARG A 385 -2.27 19.98 23.80
CA ARG A 385 -2.68 21.33 24.15
C ARG A 385 -4.02 21.61 23.46
N THR A 386 -4.16 21.12 22.24
CA THR A 386 -5.36 21.33 21.44
C THR A 386 -6.62 20.57 21.89
N LEU A 387 -6.46 19.32 22.33
CA LEU A 387 -7.60 18.52 22.74
C LEU A 387 -7.83 18.50 24.25
N CYS A 388 -6.80 18.85 25.01
CA CYS A 388 -6.90 18.88 26.46
C CYS A 388 -6.55 20.27 26.99
N PRO A 389 -7.34 21.28 26.61
CA PRO A 389 -7.07 22.65 27.07
C PRO A 389 -7.08 22.93 28.57
N GLN A 390 -7.70 22.06 29.38
CA GLN A 390 -7.76 22.28 30.82
C GLN A 390 -6.69 21.67 31.72
N THR A 391 -5.96 20.66 31.25
CA THR A 391 -4.88 20.06 32.05
C THR A 391 -3.70 19.68 31.17
N THR A 392 -2.59 19.34 31.81
CA THR A 392 -1.38 18.95 31.10
C THR A 392 -1.36 17.42 31.01
N LYS A 393 -2.50 16.82 31.34
CA LYS A 393 -2.59 15.37 31.31
C LYS A 393 -3.35 14.85 30.11
N LEU A 394 -3.13 13.58 29.83
CA LEU A 394 -3.78 12.89 28.73
C LEU A 394 -5.25 12.81 29.12
N CYS A 395 -6.03 13.79 28.68
CA CYS A 395 -7.45 13.80 29.01
C CYS A 395 -8.18 12.72 28.22
N ASP A 396 -9.46 12.50 28.54
CA ASP A 396 -10.23 11.47 27.85
C ASP A 396 -10.32 11.66 26.34
N ALA A 397 -10.39 12.92 25.90
CA ALA A 397 -10.49 13.22 24.47
C ALA A 397 -9.28 12.70 23.68
N MET A 398 -8.20 12.38 24.37
CA MET A 398 -6.98 11.85 23.75
C MET A 398 -6.71 10.42 24.19
N LYS A 399 -7.68 9.83 24.88
CA LYS A 399 -7.52 8.45 25.35
C LYS A 399 -7.21 7.57 24.13
N ILE A 400 -8.02 7.71 23.09
CA ILE A 400 -7.80 6.95 21.87
C ILE A 400 -7.38 7.94 20.77
N LEU A 401 -6.10 7.95 20.48
CA LEU A 401 -5.54 8.86 19.49
C LEU A 401 -6.04 8.70 18.07
N ASP A 402 -6.21 9.82 17.38
CA ASP A 402 -6.59 9.77 15.99
C ASP A 402 -5.24 9.87 15.28
N GLY A 403 -4.72 8.71 14.83
CA GLY A 403 -3.44 8.68 14.16
C GLY A 403 -3.36 9.44 12.86
N LYS A 404 -4.47 9.50 12.13
CA LYS A 404 -4.51 10.23 10.88
C LYS A 404 -4.32 11.73 11.14
N LYS A 405 -5.01 12.24 12.16
CA LYS A 405 -4.90 13.65 12.51
C LYS A 405 -3.48 13.89 13.00
N LEU A 406 -2.99 13.00 13.86
CA LEU A 406 -1.66 13.13 14.39
C LEU A 406 -0.66 13.32 13.26
N TYR A 407 -0.75 12.48 12.24
CA TYR A 407 0.18 12.59 11.12
C TYR A 407 0.03 13.94 10.38
N LYS A 408 -1.18 14.49 10.33
CA LYS A 408 -1.41 15.81 9.72
C LYS A 408 -1.65 16.87 10.82
N GLU A 409 -0.63 16.95 11.69
CA GLU A 409 -0.49 17.80 12.88
C GLU A 409 1.01 17.67 13.19
N TYR A 410 1.61 16.68 12.54
CA TYR A 410 3.01 16.37 12.66
C TYR A 410 3.74 16.84 11.40
N LEU A 411 3.05 16.76 10.26
CA LEU A 411 3.63 17.21 8.99
C LEU A 411 3.83 18.72 9.02
N LEU A 412 2.96 19.42 9.74
CA LEU A 412 3.02 20.88 9.81
C LEU A 412 3.94 21.38 10.91
N LYS A 413 4.50 20.46 11.68
CA LYS A 413 5.38 20.83 12.78
C LYS A 413 6.62 21.59 12.33
N ILE A 414 7.02 22.58 13.12
CA ILE A 414 8.21 23.40 12.85
C ILE A 414 8.71 23.86 14.22
N GLN A 415 9.90 23.41 14.61
CA GLN A 415 10.45 23.79 15.90
C GLN A 415 11.97 23.88 15.81
N PHE A 416 12.60 24.50 16.79
CA PHE A 416 14.06 24.58 16.77
C PHE A 416 14.66 23.31 17.33
N THR A 417 15.58 22.73 16.55
CA THR A 417 16.24 21.49 16.93
C THR A 417 16.46 21.36 18.43
N ALA A 418 16.08 20.19 18.96
CA ALA A 418 16.23 19.90 20.39
C ALA A 418 17.41 20.71 20.90
N PRO A 419 17.20 21.49 21.97
CA PRO A 419 18.17 22.37 22.64
C PRO A 419 19.61 22.05 22.31
N PHE A 420 19.86 20.76 22.12
CA PHE A 420 21.17 20.22 21.83
C PHE A 420 21.80 20.73 20.54
N ASN A 421 21.33 21.88 20.06
CA ASN A 421 21.88 22.46 18.86
C ASN A 421 22.15 23.96 19.04
N PRO A 422 23.43 24.36 18.98
CA PRO A 422 23.83 25.75 19.14
C PRO A 422 23.20 26.64 18.06
N ASN A 423 23.17 27.95 18.32
CA ASN A 423 22.60 28.92 17.40
C ASN A 423 21.19 28.54 16.95
N LYS A 424 20.68 29.30 15.99
CA LYS A 424 19.35 29.09 15.44
C LYS A 424 19.32 29.71 14.04
N GLY A 425 20.47 30.25 13.63
CA GLY A 425 20.59 30.88 12.32
C GLY A 425 20.98 29.93 11.21
N ALA A 426 21.77 28.91 11.54
CA ALA A 426 22.20 27.92 10.55
C ALA A 426 21.02 26.99 10.25
N ASP A 427 19.83 27.60 10.13
CA ASP A 427 18.59 26.88 9.87
C ASP A 427 18.57 25.54 10.60
N SER A 428 18.50 25.62 11.92
CA SER A 428 18.47 24.43 12.76
C SER A 428 17.02 24.19 13.18
N ILE A 429 16.15 24.17 12.19
CA ILE A 429 14.73 23.93 12.43
C ILE A 429 14.35 22.58 11.89
N VAL A 430 13.46 21.87 12.59
CA VAL A 430 13.04 20.58 12.11
C VAL A 430 11.64 20.76 11.58
N LYS A 431 11.41 20.26 10.37
CA LYS A 431 10.11 20.35 9.71
C LYS A 431 10.11 19.38 8.54
N PHE A 432 8.97 19.23 7.89
CA PHE A 432 8.85 18.31 6.77
C PHE A 432 8.28 18.90 5.49
N ASP A 433 8.68 18.27 4.37
CA ASP A 433 8.23 18.55 3.01
C ASP A 433 6.75 18.20 3.02
N THR A 434 6.12 18.38 1.86
CA THR A 434 4.73 18.00 1.68
C THR A 434 4.78 16.47 1.62
N PHE A 435 5.93 15.93 1.22
CA PHE A 435 6.11 14.49 1.11
C PHE A 435 6.58 13.89 2.43
N GLY A 436 6.84 14.73 3.44
CA GLY A 436 7.31 14.23 4.70
C GLY A 436 8.80 14.01 4.75
N ASP A 437 9.53 14.62 3.83
CA ASP A 437 10.98 14.47 3.79
C ASP A 437 11.71 15.64 4.43
N GLY A 438 13.01 15.45 4.66
CA GLY A 438 13.85 16.48 5.23
C GLY A 438 14.68 17.15 4.13
N MET A 439 15.53 18.08 4.51
CA MET A 439 16.35 18.83 3.56
C MET A 439 17.57 18.08 3.02
N GLY A 440 17.73 18.15 1.70
CA GLY A 440 18.84 17.48 1.04
C GLY A 440 20.20 18.14 1.11
N ARG A 441 20.88 17.96 2.24
CA ARG A 441 22.22 18.52 2.46
C ARG A 441 23.20 17.39 2.72
N TYR A 442 24.30 17.36 1.96
CA TYR A 442 25.29 16.32 2.16
C TYR A 442 26.69 16.87 2.30
N ASN A 443 27.54 16.10 2.98
CA ASN A 443 28.92 16.48 3.14
C ASN A 443 29.72 15.42 2.39
N VAL A 444 30.84 15.81 1.82
CA VAL A 444 31.66 14.87 1.09
C VAL A 444 32.90 14.56 1.91
N PHE A 445 33.21 13.27 2.05
CA PHE A 445 34.36 12.86 2.83
C PHE A 445 35.37 12.12 1.98
N ASN A 446 36.61 12.12 2.46
CA ASN A 446 37.73 11.47 1.79
C ASN A 446 38.44 10.61 2.83
N LEU A 447 38.65 9.34 2.52
CA LEU A 447 39.33 8.47 3.46
C LEU A 447 40.84 8.69 3.38
N GLN A 448 41.40 9.30 4.41
CA GLN A 448 42.83 9.57 4.45
C GLN A 448 43.53 8.68 5.47
N GLN A 449 44.79 8.97 5.74
CA GLN A 449 45.59 8.18 6.67
C GLN A 449 46.77 8.98 7.21
N THR A 450 47.03 10.12 6.58
CA THR A 450 48.11 11.03 6.94
C THR A 450 48.85 10.74 8.26
N GLY A 451 48.13 10.76 9.37
CA GLY A 451 48.76 10.51 10.65
C GLY A 451 48.88 9.06 11.08
N GLY A 452 49.29 8.19 10.17
CA GLY A 452 49.43 6.78 10.50
C GLY A 452 48.10 6.06 10.64
N LYS A 453 47.10 6.78 11.16
CA LYS A 453 45.77 6.24 11.37
C LYS A 453 44.84 6.64 10.22
N TYR A 454 43.85 5.80 9.95
CA TYR A 454 42.88 6.05 8.87
C TYR A 454 41.66 6.82 9.38
N SER A 455 41.30 7.90 8.69
CA SER A 455 40.16 8.71 9.08
C SER A 455 39.47 9.40 7.91
N TYR A 456 38.23 9.84 8.11
CA TYR A 456 37.47 10.53 7.07
C TYR A 456 37.56 12.04 7.26
N LEU A 457 38.00 12.75 6.23
CA LEU A 457 38.10 14.20 6.30
C LEU A 457 37.02 14.83 5.43
N LYS A 458 36.41 15.90 5.90
CA LYS A 458 35.38 16.55 5.12
C LYS A 458 36.07 17.37 4.03
N VAL A 459 35.89 16.99 2.78
CA VAL A 459 36.52 17.71 1.69
C VAL A 459 35.53 18.50 0.83
N GLY A 460 34.30 18.68 1.32
CA GLY A 460 33.31 19.42 0.58
C GLY A 460 31.88 19.16 1.03
N HIS A 461 30.92 19.65 0.25
CA HIS A 461 29.52 19.46 0.56
C HIS A 461 28.64 19.76 -0.64
N TRP A 462 27.36 19.40 -0.53
CA TRP A 462 26.41 19.63 -1.59
C TRP A 462 25.10 20.09 -0.99
N ALA A 463 24.65 21.28 -1.36
CA ALA A 463 23.40 21.83 -0.86
C ALA A 463 22.43 21.94 -2.03
N GLU A 464 22.87 22.57 -3.11
CA GLU A 464 22.04 22.69 -4.29
C GLU A 464 22.99 22.60 -5.47
N THR A 465 24.24 22.94 -5.16
CA THR A 465 25.34 22.91 -6.12
C THR A 465 26.52 22.29 -5.40
N LEU A 466 27.39 21.61 -6.16
CA LEU A 466 28.54 20.98 -5.57
C LEU A 466 29.52 22.02 -5.02
N SER A 467 30.33 21.60 -4.06
CA SER A 467 31.29 22.50 -3.45
C SER A 467 32.34 21.69 -2.69
N LEU A 468 33.60 21.86 -3.05
CA LEU A 468 34.68 21.14 -2.39
C LEU A 468 36.06 21.71 -2.73
N ASP A 469 36.93 21.83 -1.73
CA ASP A 469 38.27 22.33 -1.99
C ASP A 469 39.15 21.15 -2.35
N VAL A 470 39.37 21.00 -3.66
CA VAL A 470 40.15 19.91 -4.23
C VAL A 470 41.55 19.75 -3.65
N ASP A 471 42.12 20.83 -3.14
CA ASP A 471 43.48 20.79 -2.59
C ASP A 471 43.67 19.89 -1.37
N SER A 472 42.62 19.71 -0.58
CA SER A 472 42.74 18.89 0.62
C SER A 472 42.47 17.40 0.41
N ILE A 473 42.09 17.02 -0.80
CA ILE A 473 41.77 15.62 -1.09
C ILE A 473 42.97 14.74 -1.42
N HIS A 474 43.13 13.65 -0.67
CA HIS A 474 44.21 12.71 -0.89
C HIS A 474 43.67 11.60 -1.78
N TRP A 475 44.30 11.39 -2.92
CA TRP A 475 43.82 10.36 -3.83
C TRP A 475 44.52 9.03 -3.68
N SER A 476 43.96 8.02 -4.34
CA SER A 476 44.52 6.68 -4.35
C SER A 476 45.67 6.74 -5.35
N ARG A 477 46.87 6.45 -4.87
CA ARG A 477 48.06 6.49 -5.71
C ARG A 477 48.49 7.93 -5.99
N ASN A 478 48.46 8.75 -4.93
CA ASN A 478 48.86 10.15 -4.97
C ASN A 478 48.58 10.95 -6.24
N SER A 479 47.59 10.53 -7.03
CA SER A 479 47.30 11.26 -8.25
C SER A 479 45.81 11.32 -8.56
N VAL A 480 45.31 12.52 -8.84
CA VAL A 480 43.90 12.70 -9.16
C VAL A 480 43.54 11.70 -10.26
N PRO A 481 42.75 10.68 -9.91
CA PRO A 481 42.30 9.60 -10.81
C PRO A 481 41.84 10.03 -12.20
N THR A 482 41.97 9.09 -13.13
CA THR A 482 41.54 9.27 -14.51
C THR A 482 40.61 8.11 -14.79
N SER A 483 39.39 8.41 -15.23
CA SER A 483 38.44 7.35 -15.51
C SER A 483 37.67 7.68 -16.78
N GLN A 484 38.29 7.42 -17.92
CA GLN A 484 37.68 7.69 -19.23
C GLN A 484 37.67 6.42 -20.05
N CYS A 485 36.77 6.33 -21.03
CA CYS A 485 36.69 5.14 -21.85
C CYS A 485 37.95 4.83 -22.63
N SER A 486 38.53 5.84 -23.27
CA SER A 486 39.71 5.64 -24.08
C SER A 486 40.89 6.55 -23.73
N ASP A 487 42.09 6.11 -24.12
CA ASP A 487 43.32 6.86 -23.86
C ASP A 487 43.33 8.18 -24.63
N PRO A 488 43.93 9.22 -24.03
CA PRO A 488 43.99 10.52 -24.71
C PRO A 488 44.84 10.42 -25.99
N CYS A 489 44.49 11.19 -27.01
CA CYS A 489 45.23 11.16 -28.26
C CYS A 489 46.57 11.86 -28.14
N ALA A 490 47.55 11.34 -28.88
CA ALA A 490 48.88 11.94 -28.89
C ALA A 490 48.69 13.33 -29.48
N PRO A 491 49.50 14.29 -29.04
CA PRO A 491 49.39 15.66 -29.54
C PRO A 491 49.88 15.77 -30.96
N ASN A 492 51.20 15.63 -31.07
CA ASN A 492 51.96 15.71 -32.31
C ASN A 492 51.20 15.41 -33.61
N GLU A 493 50.10 14.66 -33.56
CA GLU A 493 49.40 14.38 -34.80
C GLU A 493 48.05 13.67 -34.77
N MET A 494 47.62 13.19 -33.62
CA MET A 494 46.35 12.47 -33.61
C MET A 494 45.10 13.33 -33.41
N LYS A 495 44.01 12.91 -34.03
CA LYS A 495 42.72 13.59 -33.96
C LYS A 495 41.78 12.68 -33.16
N ASN A 496 40.84 13.29 -32.44
CA ASN A 496 39.88 12.54 -31.62
C ASN A 496 38.74 12.09 -32.55
N MET A 497 38.38 10.82 -32.51
CA MET A 497 37.30 10.32 -33.36
C MET A 497 36.24 9.56 -32.54
N GLN A 498 35.03 10.09 -32.54
CA GLN A 498 33.92 9.49 -31.80
C GLN A 498 33.15 8.47 -32.65
N PRO A 499 33.14 7.20 -32.23
CA PRO A 499 32.44 6.12 -32.95
C PRO A 499 30.91 6.21 -32.89
N GLY A 500 30.30 5.24 -32.21
CA GLY A 500 28.85 5.22 -32.09
C GLY A 500 28.33 5.87 -30.82
N ASP A 501 29.09 5.75 -29.73
CA ASP A 501 28.70 6.33 -28.44
C ASP A 501 29.32 7.70 -28.24
N VAL A 502 29.11 8.28 -27.05
CA VAL A 502 29.64 9.60 -26.74
C VAL A 502 30.66 9.58 -25.59
N CYS A 503 31.28 8.42 -25.36
CA CYS A 503 32.26 8.29 -24.30
C CYS A 503 33.57 7.68 -24.78
N CYS A 504 33.46 6.78 -25.75
CA CYS A 504 34.64 6.11 -26.28
C CYS A 504 35.04 6.74 -27.62
N TRP A 505 36.32 6.63 -27.96
CA TRP A 505 36.82 7.21 -29.20
C TRP A 505 38.13 6.56 -29.65
N ILE A 506 38.55 6.88 -30.87
CA ILE A 506 39.81 6.37 -31.40
C ILE A 506 40.68 7.55 -31.79
N CYS A 507 41.98 7.32 -31.87
CA CYS A 507 42.93 8.37 -32.24
C CYS A 507 43.54 8.08 -33.60
N ILE A 508 43.31 8.99 -34.53
CA ILE A 508 43.82 8.86 -35.89
C ILE A 508 44.96 9.81 -36.12
N PRO A 509 46.20 9.29 -36.22
CA PRO A 509 47.28 10.24 -36.46
C PRO A 509 47.01 10.88 -37.81
N CYS A 510 47.52 12.07 -38.06
CA CYS A 510 47.26 12.70 -39.33
C CYS A 510 48.44 12.85 -40.26
N GLU A 511 48.13 13.17 -41.51
CA GLU A 511 49.15 13.33 -42.53
C GLU A 511 50.10 14.44 -42.09
N PRO A 512 51.39 14.23 -42.31
CA PRO A 512 52.39 15.23 -41.91
C PRO A 512 52.12 16.65 -42.43
N TYR A 513 51.28 16.75 -43.44
CA TYR A 513 50.95 18.06 -44.01
C TYR A 513 49.62 18.60 -43.50
N GLU A 514 49.06 17.94 -42.50
CA GLU A 514 47.78 18.35 -41.91
C GLU A 514 47.94 18.89 -40.49
N TYR A 515 47.05 19.80 -40.10
CA TYR A 515 47.08 20.35 -38.75
C TYR A 515 45.72 20.12 -38.09
N LEU A 516 45.67 20.25 -36.78
CA LEU A 516 44.43 20.05 -36.04
C LEU A 516 43.60 21.32 -35.93
N VAL A 517 42.69 21.54 -36.87
CA VAL A 517 41.83 22.71 -36.82
C VAL A 517 41.15 22.73 -35.46
N ASP A 518 40.94 21.53 -34.92
CA ASP A 518 40.34 21.34 -33.60
C ASP A 518 40.65 19.92 -33.16
N GLU A 519 40.37 19.62 -31.90
CA GLU A 519 40.63 18.32 -31.29
C GLU A 519 40.27 17.08 -32.14
N PHE A 520 39.15 17.13 -32.85
CA PHE A 520 38.73 15.97 -33.65
C PHE A 520 38.78 16.13 -35.16
N THR A 521 39.47 17.15 -35.66
CA THR A 521 39.51 17.33 -37.10
C THR A 521 40.84 17.73 -37.70
N CYS A 522 41.31 16.92 -38.63
CA CYS A 522 42.55 17.22 -39.32
C CYS A 522 42.19 17.90 -40.62
N MET A 523 43.04 18.84 -41.02
CA MET A 523 42.79 19.54 -42.24
C MET A 523 44.09 19.83 -42.95
N ASP A 524 44.07 19.66 -44.27
CA ASP A 524 45.25 19.88 -45.08
C ASP A 524 45.65 21.34 -44.99
N CYS A 525 46.91 21.60 -44.65
CA CYS A 525 47.38 22.97 -44.56
C CYS A 525 47.35 23.62 -45.94
N GLY A 526 47.23 22.79 -46.96
CA GLY A 526 47.20 23.30 -48.33
C GLY A 526 48.58 23.47 -48.93
N PRO A 527 48.65 23.77 -50.23
CA PRO A 527 49.91 23.95 -50.94
C PRO A 527 50.76 25.10 -50.40
N GLY A 528 52.07 24.93 -50.45
CA GLY A 528 52.99 25.95 -49.97
C GLY A 528 53.03 26.10 -48.45
N GLN A 529 52.11 25.42 -47.75
CA GLN A 529 52.05 25.49 -46.30
C GLN A 529 52.29 24.15 -45.63
N TRP A 530 52.63 24.19 -44.34
CA TRP A 530 52.91 23.01 -43.55
C TRP A 530 52.43 23.31 -42.14
N PRO A 531 52.06 22.28 -41.36
CA PRO A 531 51.59 22.50 -39.99
C PRO A 531 52.69 22.98 -39.04
N THR A 532 52.30 23.80 -38.05
CA THR A 532 53.27 24.31 -37.06
C THR A 532 53.70 23.17 -36.14
N ALA A 533 54.86 23.29 -35.53
CA ALA A 533 55.35 22.25 -34.64
C ALA A 533 54.27 21.78 -33.67
N ASP A 534 53.41 22.71 -33.25
CA ASP A 534 52.34 22.36 -32.31
C ASP A 534 51.02 21.94 -32.95
N LEU A 535 50.98 22.00 -34.28
CA LEU A 535 49.81 21.62 -35.06
C LEU A 535 48.58 22.48 -34.88
N SER A 536 48.76 23.63 -34.25
CA SER A 536 47.64 24.54 -34.02
C SER A 536 47.35 25.34 -35.27
N GLY A 537 48.36 25.48 -36.12
CA GLY A 537 48.19 26.23 -37.36
C GLY A 537 49.12 25.79 -38.48
N CYS A 538 49.24 26.66 -39.49
CA CYS A 538 50.10 26.38 -40.64
C CYS A 538 51.07 27.52 -40.90
N TYR A 539 52.26 27.18 -41.36
CA TYR A 539 53.25 28.19 -41.68
C TYR A 539 53.72 27.96 -43.12
N ASN A 540 54.22 29.01 -43.74
CA ASN A 540 54.70 28.91 -45.12
C ASN A 540 55.98 28.10 -45.26
N LEU A 541 56.10 27.41 -46.39
CA LEU A 541 57.28 26.61 -46.69
C LEU A 541 58.25 27.46 -47.50
N PRO A 542 59.56 27.31 -47.25
CA PRO A 542 60.60 28.05 -47.96
C PRO A 542 61.00 27.36 -49.27
N GLU A 543 62.19 27.69 -49.77
CA GLU A 543 62.74 27.11 -51.01
C GLU A 543 61.99 27.52 -52.28
N PHE B 4 -15.93 -9.66 26.05
CA PHE B 4 -15.29 -10.70 26.90
C PHE B 4 -15.01 -11.97 26.08
N MET B 5 -16.01 -12.43 25.34
CA MET B 5 -15.86 -13.63 24.52
C MET B 5 -15.90 -13.33 23.02
N ARG B 6 -14.71 -13.32 22.40
CA ARG B 6 -14.60 -13.08 20.96
C ARG B 6 -14.60 -14.46 20.29
N ARG B 7 -15.69 -14.76 19.61
CA ARG B 7 -15.88 -16.04 18.95
C ARG B 7 -15.11 -16.29 17.65
N GLU B 8 -14.96 -17.56 17.31
CA GLU B 8 -14.24 -17.97 16.11
C GLU B 8 -14.39 -19.46 15.92
N ILE B 9 -14.07 -19.94 14.72
CA ILE B 9 -14.16 -21.36 14.44
C ILE B 9 -12.75 -21.86 14.13
N LYS B 10 -12.31 -22.84 14.91
CA LYS B 10 -10.98 -23.43 14.75
C LYS B 10 -11.06 -24.93 14.56
N ILE B 11 -10.80 -25.40 13.35
CA ILE B 11 -10.82 -26.82 13.07
C ILE B 11 -9.44 -27.14 12.53
N GLU B 12 -8.77 -28.13 13.12
CA GLU B 12 -7.42 -28.48 12.70
C GLU B 12 -7.38 -29.28 11.42
N GLY B 13 -6.25 -29.26 10.74
CA GLY B 13 -6.08 -30.01 9.52
C GLY B 13 -4.64 -30.02 9.07
N ASP B 14 -4.34 -30.76 8.02
CA ASP B 14 -2.98 -30.79 7.50
C ASP B 14 -2.66 -29.41 6.93
N LEU B 15 -3.68 -28.79 6.33
CA LEU B 15 -3.57 -27.45 5.77
C LEU B 15 -4.79 -26.70 6.30
N VAL B 16 -4.64 -25.41 6.62
CA VAL B 16 -5.75 -24.63 7.15
C VAL B 16 -6.08 -23.38 6.33
N LEU B 17 -7.37 -23.16 6.09
CA LEU B 17 -7.81 -21.98 5.36
C LEU B 17 -8.45 -20.99 6.33
N GLY B 18 -8.04 -19.72 6.24
CA GLY B 18 -8.65 -18.71 7.07
C GLY B 18 -9.95 -18.31 6.38
N GLY B 19 -10.88 -17.76 7.15
CA GLY B 19 -12.14 -17.34 6.58
C GLY B 19 -12.61 -16.07 7.24
N LEU B 20 -13.26 -15.19 6.46
CA LEU B 20 -13.77 -13.92 6.98
C LEU B 20 -15.16 -13.67 6.42
N PHE B 21 -16.12 -13.50 7.32
CA PHE B 21 -17.49 -13.25 6.93
C PHE B 21 -18.14 -12.22 7.85
N PRO B 22 -19.06 -11.40 7.31
CA PRO B 22 -19.74 -10.39 8.13
C PRO B 22 -20.87 -11.09 8.87
N ILE B 23 -20.49 -12.03 9.73
CA ILE B 23 -21.47 -12.81 10.50
C ILE B 23 -22.39 -11.84 11.23
N ASN B 24 -21.80 -10.79 11.77
CA ASN B 24 -22.55 -9.78 12.48
C ASN B 24 -22.53 -8.46 11.72
N GLU B 25 -23.57 -7.67 11.97
CA GLU B 25 -23.76 -6.36 11.36
C GLU B 25 -22.82 -5.40 12.11
N LYS B 26 -22.60 -4.22 11.54
CA LYS B 26 -21.75 -3.23 12.19
C LYS B 26 -22.33 -2.84 13.54
N GLY B 27 -21.47 -2.66 14.54
CA GLY B 27 -21.95 -2.26 15.84
C GLY B 27 -22.32 -0.79 15.80
N THR B 28 -23.38 -0.40 16.49
CA THR B 28 -23.82 1.00 16.51
C THR B 28 -23.18 1.76 17.67
N GLY B 29 -22.65 2.95 17.38
CA GLY B 29 -22.01 3.75 18.41
C GLY B 29 -20.75 3.12 18.98
N THR B 30 -20.77 2.82 20.27
CA THR B 30 -19.62 2.23 20.96
C THR B 30 -19.37 0.75 20.67
N GLU B 31 -20.44 -0.05 20.61
CA GLU B 31 -20.29 -1.49 20.33
C GLU B 31 -19.69 -1.71 18.94
N GLU B 32 -18.88 -2.77 18.82
CA GLU B 32 -18.21 -3.09 17.56
C GLU B 32 -19.04 -3.97 16.63
N CYS B 33 -19.83 -4.86 17.21
CA CYS B 33 -20.66 -5.76 16.43
C CYS B 33 -22.11 -5.59 16.83
N GLY B 34 -23.01 -5.81 15.88
CA GLY B 34 -24.43 -5.67 16.15
C GLY B 34 -25.20 -6.97 16.00
N ARG B 35 -26.34 -6.90 15.30
CA ARG B 35 -27.19 -8.06 15.06
C ARG B 35 -26.56 -9.06 14.08
N ILE B 36 -27.11 -10.26 14.04
CA ILE B 36 -26.64 -11.30 13.14
C ILE B 36 -27.03 -10.97 11.71
N ASN B 37 -26.11 -11.23 10.78
CA ASN B 37 -26.35 -11.00 9.35
C ASN B 37 -26.71 -12.41 8.88
N GLU B 38 -28.01 -12.67 8.78
CA GLU B 38 -28.49 -13.99 8.42
C GLU B 38 -28.07 -14.57 7.07
N ASP B 39 -28.39 -13.88 5.99
CA ASP B 39 -28.08 -14.35 4.66
C ASP B 39 -26.63 -14.19 4.19
N ARG B 40 -26.15 -12.96 4.24
CA ARG B 40 -24.79 -12.69 3.82
C ARG B 40 -23.77 -13.00 4.91
N GLY B 41 -24.24 -13.44 6.08
CA GLY B 41 -23.32 -13.75 7.15
C GLY B 41 -23.28 -15.23 7.47
N ILE B 42 -24.29 -15.72 8.19
CA ILE B 42 -24.38 -17.12 8.58
C ILE B 42 -24.39 -18.07 7.37
N GLN B 43 -25.22 -17.79 6.38
CA GLN B 43 -25.28 -18.65 5.20
C GLN B 43 -23.90 -18.79 4.52
N ARG B 44 -23.23 -17.66 4.29
CA ARG B 44 -21.93 -17.71 3.64
C ARG B 44 -20.91 -18.45 4.49
N LEU B 45 -21.04 -18.33 5.81
CA LEU B 45 -20.15 -19.01 6.73
C LEU B 45 -20.37 -20.53 6.57
N GLU B 46 -21.63 -20.95 6.69
CA GLU B 46 -21.95 -22.37 6.59
C GLU B 46 -21.63 -22.92 5.20
N ALA B 47 -21.60 -22.05 4.20
CA ALA B 47 -21.27 -22.52 2.85
C ALA B 47 -19.79 -22.88 2.79
N MET B 48 -18.95 -22.18 3.55
CA MET B 48 -17.52 -22.49 3.57
C MET B 48 -17.33 -23.82 4.31
N LEU B 49 -18.03 -23.95 5.44
CA LEU B 49 -17.96 -25.16 6.23
C LEU B 49 -18.47 -26.31 5.35
N PHE B 50 -19.52 -26.02 4.60
CA PHE B 50 -20.10 -27.01 3.70
C PHE B 50 -19.05 -27.47 2.69
N ALA B 51 -18.44 -26.50 2.00
CA ALA B 51 -17.41 -26.79 0.99
C ALA B 51 -16.23 -27.58 1.55
N ILE B 52 -15.75 -27.20 2.74
CA ILE B 52 -14.64 -27.90 3.36
C ILE B 52 -15.03 -29.37 3.64
N ASP B 53 -16.23 -29.58 4.19
CA ASP B 53 -16.69 -30.95 4.47
C ASP B 53 -16.68 -31.78 3.19
N GLU B 54 -17.26 -31.23 2.12
CA GLU B 54 -17.30 -31.94 0.85
C GLU B 54 -15.91 -32.26 0.37
N ILE B 55 -15.03 -31.27 0.40
CA ILE B 55 -13.65 -31.46 -0.04
C ILE B 55 -12.97 -32.53 0.80
N ASN B 56 -13.25 -32.54 2.09
CA ASN B 56 -12.62 -33.54 2.96
C ASN B 56 -13.18 -34.96 2.75
N LYS B 57 -14.13 -35.10 1.84
CA LYS B 57 -14.72 -36.41 1.51
C LYS B 57 -14.52 -36.68 0.01
N ASP B 58 -13.80 -35.81 -0.66
CA ASP B 58 -13.55 -35.96 -2.09
C ASP B 58 -12.19 -36.65 -2.29
N ASN B 59 -12.23 -37.90 -2.72
CA ASN B 59 -11.03 -38.69 -2.93
C ASN B 59 -10.21 -38.26 -4.15
N TYR B 60 -10.71 -37.30 -4.91
CA TYR B 60 -9.98 -36.86 -6.10
C TYR B 60 -9.40 -35.45 -5.95
N LEU B 61 -9.74 -34.81 -4.85
CA LEU B 61 -9.27 -33.46 -4.56
C LEU B 61 -8.67 -33.44 -3.16
N LEU B 62 -7.36 -33.26 -3.07
CA LEU B 62 -6.72 -33.23 -1.77
C LEU B 62 -6.96 -34.52 -0.97
N PRO B 63 -6.91 -35.69 -1.62
CA PRO B 63 -7.12 -36.93 -0.86
C PRO B 63 -5.83 -37.06 -0.04
N GLY B 64 -5.91 -37.43 1.21
CA GLY B 64 -4.65 -37.51 1.95
C GLY B 64 -4.24 -36.20 2.61
N VAL B 65 -4.98 -35.12 2.36
CA VAL B 65 -4.67 -33.85 3.00
C VAL B 65 -5.98 -33.24 3.49
N LYS B 66 -6.19 -33.31 4.79
CA LYS B 66 -7.41 -32.77 5.40
C LYS B 66 -7.31 -31.25 5.55
N LEU B 67 -8.34 -30.54 5.10
CA LEU B 67 -8.38 -29.09 5.22
C LEU B 67 -9.04 -28.65 6.52
N GLY B 68 -8.38 -27.75 7.24
CA GLY B 68 -8.93 -27.24 8.48
C GLY B 68 -9.35 -25.82 8.15
N VAL B 69 -9.82 -25.08 9.14
CA VAL B 69 -10.24 -23.70 8.92
C VAL B 69 -10.04 -22.84 10.17
N HIS B 70 -9.96 -21.55 9.96
CA HIS B 70 -9.87 -20.60 11.05
C HIS B 70 -10.72 -19.46 10.53
N ILE B 71 -12.00 -19.51 10.89
CA ILE B 71 -12.95 -18.51 10.44
C ILE B 71 -13.23 -17.45 11.50
N LEU B 72 -13.23 -16.20 11.06
CA LEU B 72 -13.48 -15.10 11.96
C LEU B 72 -14.58 -14.18 11.43
N ASP B 73 -15.12 -13.38 12.34
CA ASP B 73 -16.20 -12.43 12.09
C ASP B 73 -15.56 -11.10 11.71
N THR B 74 -16.10 -10.41 10.72
CA THR B 74 -15.54 -9.11 10.35
C THR B 74 -16.41 -8.01 10.93
N CYS B 75 -17.57 -8.40 11.44
CA CYS B 75 -18.56 -7.48 11.99
C CYS B 75 -18.82 -6.32 11.05
N SER B 76 -18.62 -6.59 9.76
CA SER B 76 -18.86 -5.62 8.70
C SER B 76 -18.02 -4.36 8.76
N ARG B 77 -16.84 -4.42 9.37
CA ARG B 77 -15.97 -3.25 9.46
C ARG B 77 -14.53 -3.56 9.08
N ASP B 78 -13.97 -2.80 8.16
CA ASP B 78 -12.61 -3.06 7.77
C ASP B 78 -11.64 -3.08 8.96
N THR B 79 -11.70 -2.07 9.83
CA THR B 79 -10.80 -2.00 10.97
C THR B 79 -10.87 -3.25 11.86
N TYR B 80 -12.08 -3.75 12.09
CA TYR B 80 -12.25 -4.95 12.91
C TYR B 80 -11.73 -6.17 12.17
N ALA B 81 -12.04 -6.25 10.87
CA ALA B 81 -11.58 -7.37 10.06
C ALA B 81 -10.07 -7.39 10.09
N LEU B 82 -9.49 -6.20 9.98
CA LEU B 82 -8.06 -6.02 10.01
C LEU B 82 -7.47 -6.56 11.31
N GLU B 83 -8.05 -6.18 12.45
CA GLU B 83 -7.54 -6.66 13.75
C GLU B 83 -7.62 -8.17 13.88
N GLN B 84 -8.73 -8.75 13.41
CA GLN B 84 -8.94 -10.20 13.46
C GLN B 84 -7.90 -10.92 12.61
N SER B 85 -7.69 -10.43 11.39
CA SER B 85 -6.73 -11.03 10.46
C SER B 85 -5.33 -11.16 11.02
N LEU B 86 -5.02 -10.32 12.01
CA LEU B 86 -3.69 -10.36 12.61
C LEU B 86 -3.47 -11.81 13.11
N GLU B 87 -4.56 -12.47 13.45
CA GLU B 87 -4.55 -13.85 13.92
C GLU B 87 -3.92 -14.77 12.87
N PHE B 88 -4.17 -14.48 11.61
CA PHE B 88 -3.65 -15.27 10.50
C PHE B 88 -2.15 -15.14 10.30
N VAL B 89 -1.62 -13.94 10.48
CA VAL B 89 -0.19 -13.74 10.28
C VAL B 89 0.66 -14.16 11.47
N ARG B 90 0.15 -14.02 12.69
CA ARG B 90 0.92 -14.43 13.87
C ARG B 90 1.15 -15.93 13.77
N ALA B 91 0.22 -16.61 13.13
CA ALA B 91 0.28 -18.04 12.94
C ALA B 91 1.56 -18.49 12.24
N SER B 92 2.00 -17.71 11.25
CA SER B 92 3.21 -18.03 10.51
C SER B 92 4.48 -17.63 11.25
N LEU B 93 4.49 -17.83 12.56
CA LEU B 93 5.65 -17.50 13.39
C LEU B 93 6.04 -18.67 14.29
N ILE B 114 -1.25 -23.46 19.68
CA ILE B 114 -2.53 -22.77 19.73
C ILE B 114 -2.86 -22.08 18.39
N PRO B 115 -1.89 -21.36 17.79
CA PRO B 115 -2.10 -20.66 16.51
C PRO B 115 -1.95 -21.57 15.27
N LEU B 116 -2.99 -21.65 14.46
CA LEU B 116 -3.02 -22.48 13.24
C LEU B 116 -2.37 -21.79 12.03
N LEU B 117 -1.52 -22.52 11.30
CA LEU B 117 -0.84 -21.95 10.12
C LEU B 117 -1.82 -21.79 8.97
N ILE B 118 -1.88 -20.59 8.41
CA ILE B 118 -2.80 -20.31 7.32
C ILE B 118 -2.20 -20.46 5.94
N ALA B 119 -2.76 -21.37 5.16
CA ALA B 119 -2.30 -21.59 3.81
C ALA B 119 -2.84 -20.48 2.89
N GLY B 120 -4.09 -20.08 3.14
CA GLY B 120 -4.72 -19.04 2.34
C GLY B 120 -5.97 -18.54 3.04
N VAL B 121 -6.45 -17.38 2.63
CA VAL B 121 -7.64 -16.81 3.27
C VAL B 121 -8.82 -16.67 2.33
N ILE B 122 -9.97 -17.13 2.77
CA ILE B 122 -11.17 -17.03 1.97
C ILE B 122 -11.96 -15.88 2.52
N GLY B 123 -12.10 -14.81 1.75
CA GLY B 123 -12.89 -13.80 2.35
C GLY B 123 -12.75 -12.35 2.06
N GLY B 124 -13.67 -11.69 2.74
CA GLY B 124 -13.90 -10.28 2.66
C GLY B 124 -15.20 -10.32 1.89
N SER B 125 -16.24 -9.66 2.39
CA SER B 125 -17.48 -9.56 1.63
C SER B 125 -17.37 -8.10 1.18
N TYR B 126 -17.46 -7.19 2.14
CA TYR B 126 -17.33 -5.77 1.86
C TYR B 126 -15.96 -5.49 1.24
N SER B 127 -15.94 -4.75 0.15
CA SER B 127 -14.66 -4.42 -0.48
C SER B 127 -13.71 -3.77 0.54
N SER B 128 -14.24 -2.92 1.41
CA SER B 128 -13.40 -2.24 2.38
C SER B 128 -12.63 -3.23 3.25
N VAL B 129 -13.27 -4.29 3.72
CA VAL B 129 -12.53 -5.24 4.53
C VAL B 129 -11.53 -6.02 3.67
N SER B 130 -11.96 -6.47 2.48
CA SER B 130 -11.06 -7.25 1.60
C SER B 130 -9.77 -6.50 1.30
N ILE B 131 -9.91 -5.21 1.01
CA ILE B 131 -8.76 -4.36 0.70
C ILE B 131 -7.79 -4.21 1.87
N GLN B 132 -8.29 -3.81 3.04
CA GLN B 132 -7.43 -3.64 4.19
C GLN B 132 -6.77 -4.97 4.54
N VAL B 133 -7.57 -6.03 4.51
CA VAL B 133 -7.06 -7.36 4.79
C VAL B 133 -6.00 -7.73 3.77
N ALA B 134 -6.26 -7.42 2.50
CA ALA B 134 -5.29 -7.73 1.46
C ALA B 134 -3.99 -6.97 1.70
N ASN B 135 -4.09 -5.75 2.26
CA ASN B 135 -2.91 -4.95 2.53
C ASN B 135 -2.05 -5.62 3.59
N LEU B 136 -2.70 -6.37 4.48
CA LEU B 136 -1.98 -7.06 5.54
C LEU B 136 -1.41 -8.40 5.07
N LEU B 137 -2.26 -9.19 4.44
CA LEU B 137 -1.87 -10.51 3.96
C LEU B 137 -0.71 -10.55 2.95
N ARG B 138 -0.62 -9.54 2.09
CA ARG B 138 0.46 -9.54 1.09
C ARG B 138 1.83 -9.45 1.77
N LEU B 139 1.89 -8.80 2.93
CA LEU B 139 3.12 -8.67 3.67
C LEU B 139 3.70 -10.00 4.11
N PHE B 140 2.85 -11.01 4.25
CA PHE B 140 3.33 -12.32 4.65
C PHE B 140 3.03 -13.37 3.58
N GLN B 141 2.88 -12.90 2.34
CA GLN B 141 2.60 -13.77 1.20
C GLN B 141 1.48 -14.76 1.43
N ILE B 142 0.34 -14.30 1.94
CA ILE B 142 -0.76 -15.21 2.16
C ILE B 142 -1.83 -14.97 1.11
N PRO B 143 -2.05 -15.94 0.21
CA PRO B 143 -3.07 -15.75 -0.82
C PRO B 143 -4.47 -15.57 -0.23
N GLN B 144 -5.28 -14.76 -0.92
CA GLN B 144 -6.62 -14.46 -0.48
C GLN B 144 -7.59 -14.48 -1.67
N ILE B 145 -8.76 -15.07 -1.45
CA ILE B 145 -9.79 -15.15 -2.47
C ILE B 145 -11.10 -14.64 -1.89
N SER B 146 -11.58 -13.52 -2.40
CA SER B 146 -12.84 -12.99 -1.93
C SER B 146 -13.96 -13.54 -2.81
N TYR B 147 -15.10 -13.81 -2.19
CA TYR B 147 -16.25 -14.36 -2.88
C TYR B 147 -17.34 -13.29 -3.11
N ALA B 148 -17.04 -12.03 -2.83
CA ALA B 148 -18.04 -10.98 -3.02
C ALA B 148 -17.54 -9.58 -3.30
N SER B 149 -16.32 -9.25 -2.85
CA SER B 149 -15.79 -7.90 -3.05
C SER B 149 -15.60 -7.55 -4.52
N THR B 150 -16.37 -6.57 -4.98
CA THR B 150 -16.32 -6.15 -6.38
C THR B 150 -15.58 -4.83 -6.71
N SER B 151 -14.98 -4.18 -5.73
CA SER B 151 -14.29 -2.93 -6.04
C SER B 151 -13.23 -3.08 -7.11
N ALA B 152 -13.23 -2.17 -8.07
CA ALA B 152 -12.26 -2.19 -9.17
C ALA B 152 -10.83 -2.01 -8.67
N LYS B 153 -10.65 -1.35 -7.54
CA LYS B 153 -9.31 -1.15 -7.01
C LYS B 153 -8.59 -2.48 -6.86
N LEU B 154 -9.32 -3.50 -6.41
CA LEU B 154 -8.76 -4.81 -6.18
C LEU B 154 -8.18 -5.50 -7.40
N SER B 155 -8.35 -4.91 -8.57
CA SER B 155 -7.80 -5.49 -9.80
C SER B 155 -6.35 -5.07 -10.00
N ASP B 156 -5.89 -4.15 -9.16
CA ASP B 156 -4.53 -3.63 -9.23
C ASP B 156 -3.51 -4.55 -8.55
N LYS B 157 -2.84 -5.39 -9.35
CA LYS B 157 -1.85 -6.32 -8.81
C LYS B 157 -0.54 -5.68 -8.32
N SER B 158 -0.47 -4.35 -8.28
CA SER B 158 0.74 -3.69 -7.79
C SER B 158 0.53 -3.33 -6.32
N ARG B 159 -0.72 -3.41 -5.87
CA ARG B 159 -1.05 -3.13 -4.48
C ARG B 159 -1.66 -4.38 -3.85
N TYR B 160 -2.49 -5.09 -4.61
CA TYR B 160 -3.13 -6.30 -4.10
C TYR B 160 -2.62 -7.53 -4.84
N ASP B 161 -1.31 -7.73 -4.78
CA ASP B 161 -0.66 -8.85 -5.46
C ASP B 161 -0.87 -10.24 -4.91
N TYR B 162 -1.63 -10.40 -3.83
CA TYR B 162 -1.90 -11.74 -3.30
C TYR B 162 -3.40 -11.95 -3.25
N PHE B 163 -4.13 -11.11 -3.98
CA PHE B 163 -5.58 -11.16 -3.99
C PHE B 163 -6.20 -11.56 -5.31
N ALA B 164 -7.20 -12.43 -5.20
CA ALA B 164 -7.96 -12.91 -6.35
C ALA B 164 -9.40 -12.97 -5.85
N ARG B 165 -10.34 -13.14 -6.76
CA ARG B 165 -11.75 -13.17 -6.37
C ARG B 165 -12.52 -13.96 -7.44
N THR B 166 -13.60 -14.62 -7.03
CA THR B 166 -14.44 -15.37 -7.94
C THR B 166 -15.58 -14.47 -8.49
N VAL B 167 -15.40 -13.16 -8.42
CA VAL B 167 -16.41 -12.22 -8.91
C VAL B 167 -15.76 -11.12 -9.72
N PRO B 168 -16.54 -10.43 -10.56
CA PRO B 168 -15.99 -9.35 -11.40
C PRO B 168 -15.87 -7.98 -10.74
N PRO B 169 -15.06 -7.09 -11.33
CA PRO B 169 -14.85 -5.72 -10.84
C PRO B 169 -16.02 -4.85 -11.27
N ASP B 170 -16.41 -3.91 -10.42
CA ASP B 170 -17.54 -3.03 -10.71
C ASP B 170 -17.40 -2.17 -11.96
N PHE B 171 -16.26 -2.29 -12.63
CA PHE B 171 -16.01 -1.59 -13.88
C PHE B 171 -17.18 -1.94 -14.80
N TYR B 172 -17.60 -3.20 -14.73
CA TYR B 172 -18.70 -3.69 -15.54
C TYR B 172 -20.08 -3.42 -14.96
N GLN B 173 -20.25 -3.63 -13.66
CA GLN B 173 -21.55 -3.42 -13.03
C GLN B 173 -22.04 -1.99 -13.25
N ALA B 174 -21.11 -1.04 -13.25
CA ALA B 174 -21.44 0.36 -13.48
C ALA B 174 -21.94 0.57 -14.91
N LYS B 175 -21.39 -0.19 -15.85
CA LYS B 175 -21.82 -0.08 -17.24
C LYS B 175 -23.23 -0.61 -17.36
N ALA B 176 -23.48 -1.77 -16.77
CA ALA B 176 -24.81 -2.38 -16.82
C ALA B 176 -25.85 -1.37 -16.33
N MET B 177 -25.52 -0.69 -15.24
CA MET B 177 -26.41 0.30 -14.65
C MET B 177 -26.64 1.48 -15.58
N ALA B 178 -25.55 2.03 -16.12
CA ALA B 178 -25.65 3.16 -17.02
C ALA B 178 -26.42 2.80 -18.30
N GLU B 179 -26.23 1.57 -18.78
CA GLU B 179 -26.92 1.13 -19.99
C GLU B 179 -28.42 0.91 -19.77
N ILE B 180 -28.82 0.64 -18.53
CA ILE B 180 -30.23 0.46 -18.24
C ILE B 180 -30.88 1.85 -18.29
N LEU B 181 -30.21 2.84 -17.69
CA LEU B 181 -30.73 4.20 -17.70
C LEU B 181 -30.82 4.69 -19.14
N ARG B 182 -29.74 4.54 -19.89
CA ARG B 182 -29.69 4.97 -21.28
C ARG B 182 -30.78 4.28 -22.11
N PHE B 183 -31.23 3.12 -21.64
CA PHE B 183 -32.27 2.38 -22.34
C PHE B 183 -33.61 3.07 -22.19
N PHE B 184 -34.04 3.30 -20.95
CA PHE B 184 -35.31 3.96 -20.70
C PHE B 184 -35.18 5.48 -20.79
N ASN B 185 -34.09 5.92 -21.43
CA ASN B 185 -33.82 7.33 -21.60
C ASN B 185 -33.84 8.17 -20.32
N TRP B 186 -33.37 7.60 -19.22
CA TRP B 186 -33.31 8.34 -17.97
C TRP B 186 -32.04 9.19 -18.07
N THR B 187 -32.20 10.44 -18.50
CA THR B 187 -31.09 11.35 -18.69
C THR B 187 -30.84 12.32 -17.54
N TYR B 188 -31.75 12.35 -16.57
CA TYR B 188 -31.62 13.23 -15.42
C TYR B 188 -31.85 12.41 -14.17
N VAL B 189 -30.76 11.97 -13.55
CA VAL B 189 -30.86 11.14 -12.35
C VAL B 189 -29.97 11.65 -11.23
N SER B 190 -30.31 11.25 -10.01
CA SER B 190 -29.52 11.60 -8.85
C SER B 190 -28.77 10.33 -8.43
N THR B 191 -27.66 10.49 -7.73
CA THR B 191 -26.88 9.34 -7.28
C THR B 191 -26.52 9.49 -5.82
N VAL B 192 -26.48 8.37 -5.10
CA VAL B 192 -26.09 8.35 -3.70
C VAL B 192 -25.12 7.18 -3.57
N ALA B 193 -23.93 7.45 -3.06
CA ALA B 193 -22.90 6.43 -2.90
C ALA B 193 -22.42 6.36 -1.47
N SER B 194 -21.97 5.18 -1.06
CA SER B 194 -21.42 5.00 0.28
C SER B 194 -19.97 5.42 0.21
N GLU B 195 -19.47 6.03 1.28
CA GLU B 195 -18.08 6.43 1.33
C GLU B 195 -17.31 5.12 1.34
N GLY B 196 -16.17 5.10 0.66
CA GLY B 196 -15.38 3.89 0.65
C GLY B 196 -14.94 3.47 -0.73
N ASP B 197 -14.26 2.33 -0.78
CA ASP B 197 -13.77 1.81 -2.04
C ASP B 197 -14.85 1.14 -2.85
N TYR B 198 -15.98 0.84 -2.22
CA TYR B 198 -17.09 0.22 -2.93
C TYR B 198 -17.97 1.28 -3.57
N GLY B 199 -18.62 2.07 -2.72
CA GLY B 199 -19.51 3.12 -3.19
C GLY B 199 -18.87 4.20 -4.05
N GLU B 200 -17.81 4.83 -3.56
CA GLU B 200 -17.17 5.88 -4.33
C GLU B 200 -16.58 5.45 -5.68
N THR B 201 -15.72 4.44 -5.72
CA THR B 201 -15.13 4.04 -7.00
C THR B 201 -16.22 3.50 -7.93
N GLY B 202 -17.23 2.87 -7.35
CA GLY B 202 -18.31 2.35 -8.16
C GLY B 202 -19.12 3.48 -8.79
N ILE B 203 -19.47 4.47 -7.97
CA ILE B 203 -20.23 5.61 -8.47
C ILE B 203 -19.38 6.42 -9.45
N GLU B 204 -18.09 6.49 -9.21
CA GLU B 204 -17.22 7.22 -10.14
C GLU B 204 -17.31 6.53 -11.49
N ALA B 205 -17.26 5.20 -11.50
CA ALA B 205 -17.32 4.46 -12.74
C ALA B 205 -18.64 4.77 -13.45
N PHE B 206 -19.74 4.72 -12.70
CA PHE B 206 -21.05 5.01 -13.25
C PHE B 206 -21.12 6.39 -13.92
N GLU B 207 -20.65 7.41 -13.19
CA GLU B 207 -20.64 8.77 -13.71
C GLU B 207 -19.97 8.84 -15.08
N GLN B 208 -18.81 8.20 -15.20
CA GLN B 208 -18.08 8.20 -16.45
C GLN B 208 -18.92 7.54 -17.54
N GLU B 209 -19.54 6.42 -17.19
CA GLU B 209 -20.38 5.71 -18.14
C GLU B 209 -21.62 6.55 -18.47
N ALA B 210 -22.02 7.38 -17.52
CA ALA B 210 -23.19 8.24 -17.72
C ALA B 210 -22.91 9.31 -18.77
N ARG B 211 -21.83 10.07 -18.57
CA ARG B 211 -21.44 11.14 -19.50
C ARG B 211 -21.43 10.62 -20.94
N LEU B 212 -20.69 9.54 -21.15
CA LEU B 212 -20.56 8.94 -22.48
C LEU B 212 -21.91 8.63 -23.13
N ARG B 213 -22.93 8.36 -22.33
CA ARG B 213 -24.26 8.03 -22.85
C ARG B 213 -25.24 9.19 -22.63
N ASN B 214 -24.69 10.40 -22.59
CA ASN B 214 -25.47 11.61 -22.39
C ASN B 214 -26.52 11.53 -21.28
N ILE B 215 -26.04 11.30 -20.07
CA ILE B 215 -26.90 11.22 -18.90
C ILE B 215 -26.29 12.18 -17.87
N CYS B 216 -27.06 13.18 -17.47
CA CYS B 216 -26.60 14.17 -16.50
C CYS B 216 -27.01 13.76 -15.11
N ILE B 217 -26.24 14.23 -14.12
CA ILE B 217 -26.53 13.91 -12.74
C ILE B 217 -27.10 15.12 -12.01
N ALA B 218 -28.34 14.97 -11.54
CA ALA B 218 -29.05 16.03 -10.83
C ALA B 218 -28.31 16.44 -9.56
N THR B 219 -28.00 15.46 -8.72
CA THR B 219 -27.29 15.71 -7.47
C THR B 219 -26.56 14.44 -7.01
N ALA B 220 -25.27 14.57 -6.76
CA ALA B 220 -24.45 13.44 -6.32
C ALA B 220 -24.28 13.46 -4.81
N GLU B 221 -25.08 12.63 -4.13
CA GLU B 221 -25.03 12.55 -2.67
C GLU B 221 -24.16 11.38 -2.21
N LYS B 222 -23.76 11.40 -0.95
CA LYS B 222 -22.95 10.31 -0.39
C LYS B 222 -22.96 10.27 1.12
N VAL B 223 -23.20 9.08 1.67
CA VAL B 223 -23.23 8.88 3.12
C VAL B 223 -21.90 8.24 3.53
N GLY B 224 -21.49 8.44 4.77
CA GLY B 224 -20.22 7.88 5.21
C GLY B 224 -20.25 6.97 6.42
N ARG B 225 -19.07 6.81 7.03
CA ARG B 225 -18.91 5.98 8.22
C ARG B 225 -19.62 6.58 9.43
N SER B 226 -20.12 5.71 10.30
CA SER B 226 -20.82 6.10 11.52
C SER B 226 -21.83 7.22 11.33
N ASN B 227 -22.73 7.05 10.37
CA ASN B 227 -23.76 8.05 10.10
C ASN B 227 -25.07 7.66 10.78
N ILE B 228 -25.79 8.65 11.27
CA ILE B 228 -27.05 8.42 11.95
C ILE B 228 -28.23 8.90 11.09
N ARG B 229 -29.45 8.63 11.54
CA ARG B 229 -30.65 9.02 10.82
C ARG B 229 -30.53 10.35 10.06
N LYS B 230 -30.24 11.43 10.79
CA LYS B 230 -30.11 12.77 10.22
C LYS B 230 -29.24 12.89 8.96
N SER B 231 -28.19 12.09 8.86
CA SER B 231 -27.32 12.14 7.68
C SER B 231 -28.07 11.60 6.46
N TYR B 232 -28.95 10.64 6.70
CA TYR B 232 -29.74 10.05 5.63
C TYR B 232 -30.97 10.89 5.29
N ASP B 233 -31.67 11.37 6.32
CA ASP B 233 -32.84 12.21 6.11
C ASP B 233 -32.40 13.40 5.28
N SER B 234 -31.21 13.91 5.61
CA SER B 234 -30.62 15.04 4.89
C SER B 234 -30.38 14.67 3.42
N VAL B 235 -30.18 13.39 3.16
CA VAL B 235 -29.95 12.92 1.79
C VAL B 235 -31.29 12.88 1.07
N ILE B 236 -32.31 12.39 1.75
CA ILE B 236 -33.64 12.32 1.17
C ILE B 236 -34.09 13.72 0.79
N ARG B 237 -33.92 14.66 1.71
CA ARG B 237 -34.31 16.04 1.46
C ARG B 237 -33.66 16.58 0.19
N GLU B 238 -32.35 16.36 0.06
CA GLU B 238 -31.63 16.85 -1.11
C GLU B 238 -32.06 16.16 -2.41
N LEU B 239 -32.56 14.93 -2.30
CA LEU B 239 -33.01 14.21 -3.49
C LEU B 239 -34.33 14.82 -3.89
N LEU B 240 -35.13 15.18 -2.88
CA LEU B 240 -36.44 15.78 -3.12
C LEU B 240 -36.31 17.15 -3.77
N GLN B 241 -35.18 17.83 -3.54
CA GLN B 241 -34.94 19.13 -4.13
C GLN B 241 -34.56 19.04 -5.60
N LYS B 242 -34.76 17.86 -6.19
CA LYS B 242 -34.49 17.60 -7.60
C LYS B 242 -35.65 16.73 -8.07
N PRO B 243 -36.87 17.26 -7.98
CA PRO B 243 -38.12 16.57 -8.36
C PRO B 243 -38.14 15.91 -9.74
N ASN B 244 -37.50 16.53 -10.72
CA ASN B 244 -37.48 15.95 -12.06
C ASN B 244 -36.67 14.65 -12.07
N ALA B 245 -35.60 14.60 -11.28
CA ALA B 245 -34.78 13.40 -11.17
C ALA B 245 -35.55 12.40 -10.31
N ARG B 246 -36.41 11.62 -10.95
CA ARG B 246 -37.22 10.64 -10.24
C ARG B 246 -36.50 9.28 -10.09
N VAL B 247 -35.44 9.09 -10.88
CA VAL B 247 -34.65 7.87 -10.84
C VAL B 247 -33.36 8.14 -10.07
N VAL B 248 -33.16 7.42 -8.98
CA VAL B 248 -31.98 7.58 -8.13
C VAL B 248 -31.05 6.36 -8.14
N VAL B 249 -29.88 6.53 -8.77
CA VAL B 249 -28.89 5.47 -8.89
C VAL B 249 -28.14 5.30 -7.57
N LEU B 250 -28.14 4.07 -7.04
CA LEU B 250 -27.44 3.78 -5.78
C LEU B 250 -26.25 2.83 -5.98
N PHE B 251 -25.22 3.07 -5.18
CA PHE B 251 -24.02 2.25 -5.18
C PHE B 251 -23.60 2.31 -3.74
N MET B 252 -24.32 1.58 -2.89
CA MET B 252 -24.06 1.63 -1.47
C MET B 252 -23.94 0.27 -0.81
N ARG B 253 -23.32 0.28 0.37
CA ARG B 253 -23.14 -0.92 1.19
C ARG B 253 -24.54 -1.40 1.53
N SER B 254 -24.64 -2.67 1.89
CA SER B 254 -25.91 -3.26 2.28
C SER B 254 -26.52 -2.45 3.42
N ASP B 255 -25.80 -2.33 4.53
CA ASP B 255 -26.31 -1.61 5.69
C ASP B 255 -26.72 -0.17 5.38
N ASP B 256 -25.89 0.56 4.65
CA ASP B 256 -26.22 1.94 4.31
C ASP B 256 -27.53 1.95 3.51
N SER B 257 -27.64 1.05 2.54
CA SER B 257 -28.84 0.97 1.72
C SER B 257 -30.07 0.88 2.61
N ARG B 258 -30.01 0.00 3.59
CA ARG B 258 -31.09 -0.20 4.53
C ARG B 258 -31.47 1.13 5.21
N GLU B 259 -30.45 1.90 5.59
CA GLU B 259 -30.65 3.19 6.23
C GLU B 259 -31.32 4.21 5.31
N LEU B 260 -30.89 4.25 4.05
CA LEU B 260 -31.45 5.20 3.10
C LEU B 260 -32.95 4.95 2.89
N ILE B 261 -33.32 3.70 2.63
CA ILE B 261 -34.72 3.36 2.42
C ILE B 261 -35.55 3.64 3.67
N ALA B 262 -34.97 3.40 4.85
CA ALA B 262 -35.70 3.65 6.09
C ALA B 262 -35.95 5.15 6.22
N ALA B 263 -34.99 5.94 5.75
CA ALA B 263 -35.09 7.39 5.80
C ALA B 263 -36.13 7.91 4.82
N ALA B 264 -36.25 7.23 3.68
CA ALA B 264 -37.22 7.61 2.67
C ALA B 264 -38.61 7.26 3.16
N ASN B 265 -38.73 6.11 3.81
CA ASN B 265 -40.00 5.64 4.33
C ASN B 265 -40.61 6.60 5.34
N ARG B 266 -39.75 7.23 6.15
CA ARG B 266 -40.18 8.18 7.16
C ARG B 266 -40.98 9.32 6.55
N VAL B 267 -40.34 10.12 5.70
CA VAL B 267 -40.98 11.24 5.04
C VAL B 267 -41.75 10.73 3.83
N ASN B 268 -42.02 9.43 3.83
CA ASN B 268 -42.74 8.75 2.76
C ASN B 268 -42.33 9.23 1.36
N ALA B 269 -41.04 9.51 1.19
CA ALA B 269 -40.54 9.94 -0.11
C ALA B 269 -40.61 8.73 -1.04
N SER B 270 -40.69 8.99 -2.34
CA SER B 270 -40.75 7.89 -3.31
C SER B 270 -40.01 8.19 -4.60
N PHE B 271 -39.08 7.30 -4.94
CA PHE B 271 -38.29 7.41 -6.16
C PHE B 271 -38.19 6.02 -6.78
N THR B 272 -37.67 5.97 -7.99
CA THR B 272 -37.46 4.69 -8.65
C THR B 272 -35.98 4.42 -8.41
N TRP B 273 -35.67 3.43 -7.58
CA TRP B 273 -34.29 3.10 -7.25
C TRP B 273 -33.60 2.11 -8.21
N VAL B 274 -32.35 2.43 -8.55
CA VAL B 274 -31.51 1.57 -9.38
C VAL B 274 -30.28 1.36 -8.50
N ALA B 275 -30.26 0.24 -7.79
CA ALA B 275 -29.18 -0.09 -6.86
C ALA B 275 -28.22 -1.18 -7.32
N SER B 276 -26.98 -1.08 -6.84
CA SER B 276 -25.95 -2.06 -7.17
C SER B 276 -26.10 -3.27 -6.25
N ASP B 277 -25.23 -4.26 -6.45
CA ASP B 277 -25.31 -5.49 -5.67
C ASP B 277 -25.25 -5.32 -4.18
N GLY B 278 -24.81 -4.15 -3.71
CA GLY B 278 -24.77 -3.91 -2.28
C GLY B 278 -26.18 -4.16 -1.77
N TRP B 279 -27.14 -3.63 -2.53
CA TRP B 279 -28.54 -3.80 -2.22
C TRP B 279 -28.85 -5.20 -2.73
N GLY B 280 -28.63 -5.41 -4.02
CA GLY B 280 -28.88 -6.71 -4.63
C GLY B 280 -30.32 -7.18 -4.53
N ALA B 281 -30.50 -8.45 -4.19
CA ALA B 281 -31.83 -9.02 -4.07
C ALA B 281 -32.13 -9.41 -2.64
N GLN B 282 -31.75 -8.55 -1.71
CA GLN B 282 -32.00 -8.84 -0.30
C GLN B 282 -33.38 -8.31 0.09
N GLU B 283 -34.14 -9.14 0.79
CA GLU B 283 -35.46 -8.75 1.24
C GLU B 283 -35.30 -7.97 2.54
N SER B 284 -34.27 -8.32 3.31
CA SER B 284 -33.97 -7.67 4.59
C SER B 284 -33.74 -6.17 4.44
N ILE B 285 -33.36 -5.74 3.24
CA ILE B 285 -33.09 -4.33 2.98
C ILE B 285 -34.36 -3.48 2.95
N VAL B 286 -35.41 -4.04 2.39
CA VAL B 286 -36.67 -3.35 2.25
C VAL B 286 -37.68 -3.62 3.38
N LYS B 287 -37.47 -4.70 4.14
CA LYS B 287 -38.37 -5.05 5.23
C LYS B 287 -38.75 -3.83 6.08
N GLY B 288 -40.05 -3.56 6.17
CA GLY B 288 -40.52 -2.43 6.94
C GLY B 288 -40.49 -1.10 6.20
N SER B 289 -40.48 -1.16 4.88
CA SER B 289 -40.43 0.03 4.04
C SER B 289 -40.72 -0.40 2.61
N GLU B 290 -41.32 -1.58 2.49
CA GLU B 290 -41.65 -2.16 1.20
C GLU B 290 -42.32 -1.25 0.17
N HIS B 291 -43.26 -0.42 0.59
CA HIS B 291 -43.96 0.46 -0.36
C HIS B 291 -43.06 1.55 -0.93
N VAL B 292 -42.07 1.99 -0.16
CA VAL B 292 -41.15 3.02 -0.62
C VAL B 292 -40.14 2.48 -1.64
N ALA B 293 -39.83 1.19 -1.54
CA ALA B 293 -38.88 0.56 -2.45
C ALA B 293 -39.56 -0.15 -3.60
N TYR B 294 -40.89 -0.25 -3.55
CA TYR B 294 -41.66 -0.91 -4.61
C TYR B 294 -41.18 -0.41 -5.96
N GLY B 295 -41.06 -1.32 -6.92
CA GLY B 295 -40.64 -0.93 -8.26
C GLY B 295 -39.16 -0.70 -8.44
N ALA B 296 -38.39 -0.81 -7.37
CA ALA B 296 -36.95 -0.61 -7.46
C ALA B 296 -36.31 -1.63 -8.40
N ILE B 297 -35.22 -1.23 -9.04
CA ILE B 297 -34.49 -2.13 -9.92
C ILE B 297 -33.11 -2.29 -9.31
N THR B 298 -32.72 -3.54 -9.09
CA THR B 298 -31.44 -3.81 -8.47
C THR B 298 -30.65 -4.86 -9.24
N LEU B 299 -29.33 -4.76 -9.14
CA LEU B 299 -28.43 -5.71 -9.81
C LEU B 299 -27.79 -6.66 -8.84
N GLU B 300 -27.38 -7.82 -9.36
CA GLU B 300 -26.69 -8.82 -8.58
C GLU B 300 -25.87 -9.66 -9.54
N LEU B 301 -24.78 -10.25 -9.05
CA LEU B 301 -23.93 -11.07 -9.91
C LEU B 301 -24.73 -12.26 -10.38
N ALA B 302 -24.59 -12.62 -11.65
CA ALA B 302 -25.30 -13.75 -12.20
C ALA B 302 -24.79 -15.02 -11.53
N SER B 303 -25.70 -15.74 -10.90
CA SER B 303 -25.34 -16.98 -10.24
C SER B 303 -26.52 -17.94 -10.31
N HIS B 304 -26.27 -19.18 -9.89
CA HIS B 304 -27.29 -20.21 -9.90
C HIS B 304 -27.13 -20.88 -8.55
N PRO B 305 -28.23 -21.15 -7.86
CA PRO B 305 -28.10 -21.80 -6.55
C PRO B 305 -27.34 -23.12 -6.59
N VAL B 306 -26.74 -23.47 -5.46
CA VAL B 306 -26.00 -24.72 -5.32
C VAL B 306 -26.95 -25.63 -4.56
N ARG B 307 -27.67 -26.46 -5.31
CA ARG B 307 -28.68 -27.38 -4.77
C ARG B 307 -28.29 -28.22 -3.56
N GLN B 308 -27.09 -28.79 -3.59
CA GLN B 308 -26.67 -29.63 -2.48
C GLN B 308 -26.50 -28.84 -1.19
N PHE B 309 -26.26 -27.54 -1.31
CA PHE B 309 -26.09 -26.68 -0.14
C PHE B 309 -27.44 -26.46 0.57
N ASP B 310 -28.52 -26.37 -0.21
CA ASP B 310 -29.86 -26.20 0.37
C ASP B 310 -30.08 -27.33 1.36
N ARG B 311 -29.77 -28.55 0.92
CA ARG B 311 -29.96 -29.71 1.77
C ARG B 311 -29.16 -29.55 3.07
N TYR B 312 -27.88 -29.22 2.93
CA TYR B 312 -27.00 -29.06 4.08
C TYR B 312 -27.48 -27.99 5.07
N PHE B 313 -27.74 -26.80 4.55
CA PHE B 313 -28.18 -25.69 5.41
C PHE B 313 -29.49 -25.96 6.11
N GLN B 314 -30.44 -26.59 5.42
CA GLN B 314 -31.74 -26.88 6.01
C GLN B 314 -31.66 -27.92 7.13
N SER B 315 -30.67 -28.80 7.05
CA SER B 315 -30.50 -29.85 8.05
C SER B 315 -29.85 -29.35 9.33
N LEU B 316 -29.42 -28.09 9.34
CA LEU B 316 -28.75 -27.52 10.50
C LEU B 316 -29.72 -27.06 11.59
N ASN B 317 -29.34 -27.29 12.84
CA ASN B 317 -30.15 -26.87 13.96
C ASN B 317 -29.26 -26.75 15.20
N PRO B 318 -29.69 -25.96 16.20
CA PRO B 318 -28.92 -25.74 17.43
C PRO B 318 -28.43 -27.01 18.13
N TYR B 319 -28.99 -28.16 17.75
CA TYR B 319 -28.61 -29.43 18.37
C TYR B 319 -27.46 -30.11 17.61
N ASN B 320 -27.53 -30.07 16.29
CA ASN B 320 -26.50 -30.70 15.46
C ASN B 320 -25.44 -29.75 14.91
N ASN B 321 -25.55 -28.46 15.23
CA ASN B 321 -24.57 -27.51 14.73
C ASN B 321 -23.84 -26.72 15.81
N HIS B 322 -23.05 -27.41 16.60
CA HIS B 322 -22.27 -26.79 17.69
C HIS B 322 -20.94 -26.16 17.25
N ARG B 323 -20.42 -26.53 16.07
CA ARG B 323 -19.13 -25.98 15.63
C ARG B 323 -19.18 -24.50 15.23
N ASN B 324 -20.38 -24.02 14.92
CA ASN B 324 -20.62 -22.63 14.53
C ASN B 324 -21.13 -21.92 15.78
N PRO B 325 -20.23 -21.24 16.52
CA PRO B 325 -20.54 -20.52 17.77
C PRO B 325 -21.49 -19.33 17.65
N TRP B 326 -21.95 -19.05 16.42
CA TRP B 326 -22.87 -17.94 16.17
C TRP B 326 -24.24 -18.48 15.80
N PHE B 327 -24.36 -19.78 15.67
CA PHE B 327 -25.64 -20.36 15.24
C PHE B 327 -26.80 -20.14 16.22
N ARG B 328 -26.53 -20.17 17.52
CA ARG B 328 -27.58 -19.97 18.50
C ARG B 328 -28.16 -18.58 18.31
N ASP B 329 -27.32 -17.55 18.39
CA ASP B 329 -27.78 -16.17 18.20
C ASP B 329 -28.56 -16.13 16.89
N PHE B 330 -28.00 -16.74 15.87
CA PHE B 330 -28.66 -16.79 14.55
C PHE B 330 -30.08 -17.29 14.71
N TRP B 331 -30.20 -18.49 15.27
CA TRP B 331 -31.47 -19.16 15.49
C TRP B 331 -32.50 -18.27 16.20
N GLU B 332 -32.12 -17.76 17.37
CA GLU B 332 -33.00 -16.91 18.14
C GLU B 332 -33.48 -15.65 17.41
N GLN B 333 -32.67 -15.13 16.50
CA GLN B 333 -33.05 -13.93 15.77
C GLN B 333 -33.94 -14.25 14.57
N LYS B 334 -33.63 -15.34 13.86
CA LYS B 334 -34.42 -15.71 12.69
C LYS B 334 -35.84 -16.08 13.07
N PHE B 335 -35.99 -16.74 14.21
CA PHE B 335 -37.29 -17.19 14.70
C PHE B 335 -37.84 -16.36 15.87
N GLN B 336 -37.08 -15.39 16.35
CA GLN B 336 -37.53 -14.57 17.48
C GLN B 336 -37.67 -15.53 18.66
N CYS B 337 -36.58 -16.21 18.97
CA CYS B 337 -36.54 -17.23 20.02
C CYS B 337 -36.03 -16.88 21.40
N SER B 338 -35.48 -17.92 22.01
CA SER B 338 -34.90 -17.91 23.35
C SER B 338 -34.87 -19.38 23.76
N LEU B 339 -33.88 -19.74 24.56
CA LEU B 339 -33.75 -21.11 25.05
C LEU B 339 -33.30 -21.03 26.49
N GLN B 340 -31.99 -20.96 26.67
CA GLN B 340 -31.35 -20.84 27.98
C GLN B 340 -30.03 -20.11 27.73
N ASN B 341 -29.82 -19.77 26.47
CA ASN B 341 -28.62 -19.08 26.00
C ASN B 341 -28.97 -17.77 25.30
N LYS B 342 -29.57 -16.85 26.05
CA LYS B 342 -29.95 -15.55 25.50
C LYS B 342 -30.04 -14.52 26.63
N ARG B 343 -30.40 -13.28 26.27
CA ARG B 343 -30.52 -12.20 27.24
C ARG B 343 -31.71 -12.48 28.18
N ASN B 344 -31.99 -11.52 29.07
CA ASN B 344 -33.09 -11.64 30.01
C ASN B 344 -34.41 -11.32 29.30
N HIS B 345 -34.92 -12.26 28.52
CA HIS B 345 -36.16 -12.04 27.77
C HIS B 345 -37.27 -13.03 28.09
N ARG B 346 -38.06 -13.36 27.08
CA ARG B 346 -39.19 -14.28 27.23
C ARG B 346 -39.44 -15.08 25.95
N GLN B 347 -40.45 -15.94 26.01
CA GLN B 347 -40.86 -16.76 24.88
C GLN B 347 -39.85 -17.82 24.44
N VAL B 348 -39.77 -18.92 25.18
CA VAL B 348 -38.86 -20.00 24.83
C VAL B 348 -39.24 -20.45 23.41
N CYS B 349 -38.47 -21.35 22.81
CA CYS B 349 -38.80 -21.76 21.45
C CYS B 349 -39.09 -23.22 21.15
N ASP B 350 -39.94 -23.40 20.14
CA ASP B 350 -40.38 -24.70 19.68
C ASP B 350 -39.23 -25.56 19.14
N LYS B 351 -38.90 -26.61 19.88
CA LYS B 351 -37.82 -27.52 19.51
C LYS B 351 -38.05 -28.18 18.16
N HIS B 352 -39.20 -27.91 17.54
CA HIS B 352 -39.52 -28.47 16.24
C HIS B 352 -39.26 -27.48 15.11
N LEU B 353 -38.74 -26.31 15.46
CA LEU B 353 -38.43 -25.29 14.45
C LEU B 353 -37.40 -25.87 13.51
N ALA B 354 -37.37 -25.37 12.29
CA ALA B 354 -36.43 -25.86 11.29
C ALA B 354 -36.31 -24.89 10.11
N ILE B 355 -35.11 -24.86 9.52
CA ILE B 355 -34.87 -24.00 8.38
C ILE B 355 -35.40 -24.80 7.19
N ASP B 356 -36.34 -24.23 6.46
CA ASP B 356 -36.90 -24.95 5.32
C ASP B 356 -37.34 -24.06 4.17
N SER B 357 -37.88 -24.71 3.15
CA SER B 357 -38.34 -24.04 1.94
C SER B 357 -39.32 -22.89 2.18
N SER B 358 -39.95 -22.87 3.35
CA SER B 358 -40.92 -21.81 3.66
C SER B 358 -40.33 -20.59 4.36
N ASN B 359 -39.07 -20.66 4.78
CA ASN B 359 -38.46 -19.53 5.48
C ASN B 359 -37.00 -19.29 5.12
N TYR B 360 -36.50 -20.04 4.15
CA TYR B 360 -35.11 -19.92 3.73
C TYR B 360 -34.94 -20.02 2.22
N GLU B 361 -34.16 -19.08 1.67
CA GLU B 361 -33.86 -19.06 0.25
C GLU B 361 -32.35 -18.85 0.15
N GLN B 362 -31.68 -19.70 -0.63
CA GLN B 362 -30.23 -19.59 -0.78
C GLN B 362 -29.79 -18.17 -1.13
N GLU B 363 -28.86 -17.65 -0.34
CA GLU B 363 -28.34 -16.31 -0.54
C GLU B 363 -27.78 -16.25 -1.96
N SER B 364 -27.93 -15.09 -2.59
CA SER B 364 -27.50 -14.90 -3.97
C SER B 364 -26.05 -15.32 -4.34
N LYS B 365 -25.07 -15.04 -3.47
CA LYS B 365 -23.68 -15.35 -3.80
C LYS B 365 -23.07 -16.63 -3.22
N ILE B 366 -23.88 -17.51 -2.66
CA ILE B 366 -23.36 -18.76 -2.11
C ILE B 366 -22.42 -19.46 -3.11
N MET B 367 -22.85 -19.55 -4.35
CA MET B 367 -22.05 -20.20 -5.40
C MET B 367 -20.61 -19.69 -5.40
N PHE B 368 -20.43 -18.39 -5.21
CA PHE B 368 -19.10 -17.81 -5.21
C PHE B 368 -18.26 -18.18 -3.98
N VAL B 369 -18.93 -18.46 -2.87
CA VAL B 369 -18.20 -18.84 -1.67
C VAL B 369 -17.63 -20.23 -1.91
N VAL B 370 -18.47 -21.15 -2.37
CA VAL B 370 -18.04 -22.52 -2.64
C VAL B 370 -16.97 -22.56 -3.72
N ASN B 371 -17.13 -21.80 -4.79
CA ASN B 371 -16.09 -21.79 -5.82
C ASN B 371 -14.78 -21.22 -5.27
N ALA B 372 -14.88 -20.26 -4.34
CA ALA B 372 -13.68 -19.64 -3.77
C ALA B 372 -12.89 -20.69 -2.99
N VAL B 373 -13.59 -21.36 -2.08
CA VAL B 373 -12.96 -22.38 -1.26
C VAL B 373 -12.37 -23.46 -2.17
N TYR B 374 -13.14 -23.87 -3.17
CA TYR B 374 -12.68 -24.92 -4.10
C TYR B 374 -11.50 -24.47 -4.95
N ALA B 375 -11.43 -23.18 -5.26
CA ALA B 375 -10.32 -22.70 -6.07
C ALA B 375 -9.01 -22.83 -5.26
N MET B 376 -9.09 -22.50 -3.97
CA MET B 376 -7.92 -22.58 -3.11
C MET B 376 -7.52 -24.04 -2.95
N ALA B 377 -8.50 -24.92 -2.80
CA ALA B 377 -8.23 -26.34 -2.64
C ALA B 377 -7.55 -26.89 -3.90
N HIS B 378 -8.12 -26.58 -5.07
CA HIS B 378 -7.55 -27.04 -6.32
C HIS B 378 -6.12 -26.53 -6.46
N ALA B 379 -5.88 -25.29 -6.06
CA ALA B 379 -4.52 -24.74 -6.16
C ALA B 379 -3.56 -25.51 -5.24
N LEU B 380 -3.97 -25.76 -4.01
CA LEU B 380 -3.11 -26.48 -3.08
C LEU B 380 -2.88 -27.91 -3.59
N HIS B 381 -3.95 -28.51 -4.14
CA HIS B 381 -3.92 -29.86 -4.69
C HIS B 381 -2.93 -30.02 -5.84
N LYS B 382 -2.93 -29.08 -6.78
CA LYS B 382 -2.01 -29.15 -7.90
C LYS B 382 -0.59 -28.94 -7.39
N MET B 383 -0.44 -28.09 -6.38
CA MET B 383 0.87 -27.84 -5.83
C MET B 383 1.36 -29.12 -5.14
N GLN B 384 0.48 -29.79 -4.39
CA GLN B 384 0.89 -31.01 -3.72
C GLN B 384 1.22 -32.12 -4.73
N ARG B 385 0.45 -32.21 -5.81
CA ARG B 385 0.74 -33.21 -6.83
C ARG B 385 2.13 -32.95 -7.41
N THR B 386 2.47 -31.68 -7.53
CA THR B 386 3.75 -31.27 -8.11
C THR B 386 4.98 -31.40 -7.22
N LEU B 387 4.88 -30.93 -5.99
CA LEU B 387 6.02 -30.98 -5.08
C LEU B 387 6.16 -32.29 -4.33
N CYS B 388 5.10 -33.07 -4.27
CA CYS B 388 5.10 -34.34 -3.56
C CYS B 388 4.68 -35.47 -4.49
N PRO B 389 5.52 -35.81 -5.47
CA PRO B 389 5.20 -36.87 -6.41
C PRO B 389 5.08 -38.31 -5.91
N GLN B 390 5.43 -38.58 -4.67
CA GLN B 390 5.37 -39.96 -4.16
C GLN B 390 4.14 -40.35 -3.33
N THR B 391 3.47 -39.38 -2.73
CA THR B 391 2.31 -39.66 -1.90
C THR B 391 1.22 -38.62 -2.07
N THR B 392 0.12 -38.84 -1.38
CA THR B 392 -0.99 -37.91 -1.41
C THR B 392 -0.93 -37.11 -0.12
N LYS B 393 0.17 -37.25 0.61
CA LYS B 393 0.32 -36.52 1.87
C LYS B 393 1.15 -35.27 1.72
N LEU B 394 1.04 -34.39 2.70
CA LEU B 394 1.79 -33.13 2.72
C LEU B 394 3.25 -33.51 3.01
N CYS B 395 4.06 -33.65 1.98
CA CYS B 395 5.46 -34.03 2.14
C CYS B 395 6.32 -32.88 2.66
N ASP B 396 7.53 -33.22 3.10
CA ASP B 396 8.43 -32.20 3.64
C ASP B 396 8.62 -30.99 2.73
N ALA B 397 8.56 -31.21 1.43
CA ALA B 397 8.74 -30.12 0.48
C ALA B 397 7.65 -29.06 0.62
N MET B 398 6.49 -29.46 1.11
CA MET B 398 5.38 -28.53 1.31
C MET B 398 5.10 -28.23 2.78
N LYS B 399 6.05 -28.54 3.66
CA LYS B 399 5.86 -28.27 5.09
C LYS B 399 5.75 -26.77 5.28
N ILE B 400 6.55 -26.02 4.53
CA ILE B 400 6.51 -24.57 4.59
C ILE B 400 6.18 -24.08 3.18
N LEU B 401 4.91 -23.73 2.99
CA LEU B 401 4.41 -23.27 1.71
C LEU B 401 5.00 -21.97 1.21
N ASP B 402 5.31 -21.95 -0.08
CA ASP B 402 5.81 -20.76 -0.72
C ASP B 402 4.54 -20.07 -1.22
N GLY B 403 4.04 -19.14 -0.42
CA GLY B 403 2.83 -18.41 -0.77
C GLY B 403 2.86 -17.72 -2.12
N LYS B 404 4.03 -17.19 -2.50
CA LYS B 404 4.18 -16.50 -3.76
C LYS B 404 3.90 -17.46 -4.92
N LYS B 405 4.49 -18.65 -4.84
CA LYS B 405 4.26 -19.66 -5.87
C LYS B 405 2.81 -20.12 -5.86
N LEU B 406 2.28 -20.31 -4.67
CA LEU B 406 0.90 -20.77 -4.53
C LEU B 406 -0.02 -19.84 -5.29
N TYR B 407 0.20 -18.53 -5.13
CA TYR B 407 -0.62 -17.53 -5.81
C TYR B 407 -0.41 -17.59 -7.31
N LYS B 408 0.81 -17.91 -7.74
CA LYS B 408 1.08 -18.08 -9.18
C LYS B 408 1.16 -19.59 -9.52
N GLU B 409 0.04 -20.26 -9.21
CA GLU B 409 -0.25 -21.69 -9.39
C GLU B 409 -1.78 -21.67 -9.25
N TYR B 410 -2.23 -20.66 -8.52
CA TYR B 410 -3.62 -20.41 -8.25
C TYR B 410 -4.27 -19.54 -9.35
N LEU B 411 -3.51 -18.58 -9.86
CA LEU B 411 -4.00 -17.72 -10.92
C LEU B 411 -4.21 -18.50 -12.20
N LEU B 412 -3.42 -19.54 -12.40
CA LEU B 412 -3.51 -20.35 -13.63
C LEU B 412 -4.50 -21.50 -13.50
N LYS B 413 -5.22 -21.52 -12.38
CA LYS B 413 -6.18 -22.58 -12.12
C LYS B 413 -7.43 -22.48 -13.00
N ILE B 414 -7.91 -23.63 -13.47
CA ILE B 414 -9.13 -23.73 -14.29
C ILE B 414 -9.78 -25.09 -14.00
N GLN B 415 -11.01 -25.08 -13.48
CA GLN B 415 -11.68 -26.33 -13.21
C GLN B 415 -13.19 -26.14 -13.29
N PHE B 416 -13.93 -27.23 -13.46
CA PHE B 416 -15.38 -27.13 -13.53
C PHE B 416 -15.94 -26.92 -12.13
N THR B 417 -16.81 -25.93 -12.01
CA THR B 417 -17.42 -25.57 -10.73
C THR B 417 -17.74 -26.79 -9.89
N ALA B 418 -17.39 -26.71 -8.61
CA ALA B 418 -17.63 -27.81 -7.68
C ALA B 418 -18.88 -28.52 -8.16
N PRO B 419 -18.81 -29.87 -8.32
CA PRO B 419 -19.87 -30.77 -8.78
C PRO B 419 -21.29 -30.22 -8.62
N PHE B 420 -21.44 -29.34 -7.63
CA PHE B 420 -22.70 -28.74 -7.30
C PHE B 420 -23.25 -27.82 -8.40
N ASN B 421 -22.74 -27.99 -9.61
CA ASN B 421 -23.20 -27.18 -10.74
C ASN B 421 -23.55 -28.08 -11.93
N PRO B 422 -24.83 -28.10 -12.31
CA PRO B 422 -25.29 -28.93 -13.44
C PRO B 422 -24.61 -28.52 -14.74
N ASN B 423 -24.66 -29.40 -15.73
CA ASN B 423 -24.05 -29.16 -17.04
C ASN B 423 -22.61 -28.70 -16.92
N LYS B 424 -22.05 -28.29 -18.06
CA LYS B 424 -20.67 -27.81 -18.13
C LYS B 424 -20.57 -26.94 -19.38
N GLY B 425 -21.70 -26.79 -20.06
CA GLY B 425 -21.76 -26.00 -21.28
C GLY B 425 -21.99 -24.51 -21.07
N ALA B 426 -22.72 -24.15 -20.02
CA ALA B 426 -22.99 -22.75 -19.71
C ALA B 426 -21.74 -22.15 -19.06
N ASP B 427 -20.59 -22.50 -19.62
CA ASP B 427 -19.28 -22.04 -19.12
C ASP B 427 -19.29 -22.02 -17.60
N SER B 428 -19.24 -23.20 -17.01
CA SER B 428 -19.23 -23.32 -15.56
C SER B 428 -17.81 -23.63 -15.09
N ILE B 429 -16.83 -22.94 -15.67
CA ILE B 429 -15.44 -23.13 -15.30
C ILE B 429 -14.97 -21.98 -14.42
N VAL B 430 -14.31 -22.29 -13.30
CA VAL B 430 -13.82 -21.23 -12.44
C VAL B 430 -12.35 -20.98 -12.80
N LYS B 431 -12.02 -19.72 -13.01
CA LYS B 431 -10.65 -19.33 -13.36
C LYS B 431 -10.52 -17.86 -13.04
N PHE B 432 -9.38 -17.26 -13.39
CA PHE B 432 -9.17 -15.86 -13.10
C PHE B 432 -8.48 -15.10 -14.21
N ASP B 433 -8.76 -13.80 -14.27
CA ASP B 433 -8.16 -12.87 -15.22
C ASP B 433 -6.69 -12.83 -14.88
N THR B 434 -5.98 -12.01 -15.62
CA THR B 434 -4.57 -11.78 -15.39
C THR B 434 -4.52 -10.88 -14.16
N PHE B 435 -5.67 -10.28 -13.83
CA PHE B 435 -5.80 -9.39 -12.65
C PHE B 435 -6.36 -10.16 -11.47
N GLY B 436 -6.75 -11.41 -11.70
CA GLY B 436 -7.29 -12.23 -10.65
C GLY B 436 -8.79 -12.06 -10.47
N ASP B 437 -9.45 -11.51 -11.48
CA ASP B 437 -10.88 -11.28 -11.39
C ASP B 437 -11.70 -12.37 -12.06
N GLY B 438 -13.00 -12.36 -11.77
CA GLY B 438 -13.91 -13.31 -12.38
C GLY B 438 -14.62 -12.65 -13.56
N MET B 439 -15.58 -13.35 -14.18
CA MET B 439 -16.32 -12.82 -15.34
C MET B 439 -17.49 -11.88 -15.01
N GLY B 440 -17.53 -10.73 -15.68
CA GLY B 440 -18.59 -9.76 -15.44
C GLY B 440 -19.96 -10.09 -16.02
N ARG B 441 -20.77 -10.80 -15.23
CA ARG B 441 -22.11 -11.20 -15.63
C ARG B 441 -23.11 -10.82 -14.54
N TYR B 442 -24.16 -10.08 -14.90
CA TYR B 442 -25.14 -9.69 -13.90
C TYR B 442 -26.58 -10.00 -14.29
N ASN B 443 -27.44 -10.03 -13.29
CA ASN B 443 -28.86 -10.25 -13.49
C ASN B 443 -29.56 -8.99 -12.98
N VAL B 444 -30.62 -8.59 -13.66
CA VAL B 444 -31.37 -7.39 -13.26
C VAL B 444 -32.62 -7.82 -12.53
N PHE B 445 -32.87 -7.22 -11.37
CA PHE B 445 -34.05 -7.57 -10.58
C PHE B 445 -35.00 -6.41 -10.38
N ASN B 446 -36.28 -6.76 -10.21
CA ASN B 446 -37.34 -5.79 -10.00
C ASN B 446 -38.07 -6.18 -8.72
N LEU B 447 -38.23 -5.22 -7.81
CA LEU B 447 -38.91 -5.51 -6.55
C LEU B 447 -40.42 -5.44 -6.79
N GLN B 448 -41.08 -6.59 -6.74
CA GLN B 448 -42.52 -6.66 -6.94
C GLN B 448 -43.24 -7.03 -5.65
N GLN B 449 -44.55 -7.24 -5.75
CA GLN B 449 -45.38 -7.59 -4.60
C GLN B 449 -46.66 -8.30 -5.02
N THR B 450 -46.87 -8.40 -6.33
CA THR B 450 -48.06 -9.03 -6.91
C THR B 450 -48.86 -9.95 -5.99
N GLY B 451 -48.21 -10.99 -5.47
CA GLY B 451 -48.90 -11.93 -4.59
C GLY B 451 -49.01 -11.51 -3.14
N GLY B 452 -49.30 -10.23 -2.91
CA GLY B 452 -49.43 -9.73 -1.54
C GLY B 452 -48.09 -9.57 -0.84
N LYS B 453 -47.17 -10.48 -1.16
CA LYS B 453 -45.83 -10.49 -0.56
C LYS B 453 -44.81 -9.83 -1.49
N TYR B 454 -43.83 -9.17 -0.89
CA TYR B 454 -42.77 -8.49 -1.64
C TYR B 454 -41.62 -9.44 -1.98
N SER B 455 -41.18 -9.41 -3.24
CA SER B 455 -40.10 -10.26 -3.71
C SER B 455 -39.40 -9.69 -4.93
N TYR B 456 -38.24 -10.25 -5.26
CA TYR B 456 -37.49 -9.79 -6.41
C TYR B 456 -37.72 -10.71 -7.60
N LEU B 457 -37.88 -10.11 -8.77
CA LEU B 457 -38.11 -10.86 -10.00
C LEU B 457 -37.02 -10.55 -11.01
N LYS B 458 -36.46 -11.59 -11.61
CA LYS B 458 -35.42 -11.40 -12.59
C LYS B 458 -36.13 -10.81 -13.81
N VAL B 459 -35.72 -9.63 -14.22
CA VAL B 459 -36.34 -8.97 -15.37
C VAL B 459 -35.33 -8.73 -16.48
N GLY B 460 -34.15 -9.34 -16.36
CA GLY B 460 -33.12 -9.17 -17.37
C GLY B 460 -31.73 -9.58 -16.93
N HIS B 461 -30.74 -9.26 -17.74
CA HIS B 461 -29.37 -9.58 -17.41
C HIS B 461 -28.40 -8.80 -18.29
N TRP B 462 -27.13 -8.79 -17.88
CA TRP B 462 -26.10 -8.08 -18.63
C TRP B 462 -24.85 -8.96 -18.71
N ALA B 463 -24.43 -9.27 -19.92
CA ALA B 463 -23.25 -10.10 -20.12
C ALA B 463 -22.18 -9.25 -20.78
N GLU B 464 -22.54 -8.62 -21.90
CA GLU B 464 -21.61 -7.77 -22.62
C GLU B 464 -22.49 -6.63 -23.16
N THR B 465 -23.78 -6.95 -23.28
CA THR B 465 -24.79 -6.02 -23.75
C THR B 465 -26.00 -6.22 -22.85
N LEU B 466 -26.82 -5.18 -22.69
CA LEU B 466 -28.00 -5.28 -21.85
C LEU B 466 -29.07 -6.16 -22.51
N SER B 467 -29.94 -6.70 -21.68
CA SER B 467 -31.01 -7.56 -22.13
C SER B 467 -32.05 -7.68 -21.04
N LEU B 468 -33.31 -7.40 -21.37
CA LEU B 468 -34.38 -7.50 -20.39
C LEU B 468 -35.75 -7.40 -21.05
N ASP B 469 -36.71 -8.17 -20.56
CA ASP B 469 -38.05 -8.10 -21.12
C ASP B 469 -38.85 -7.08 -20.31
N VAL B 470 -38.92 -5.88 -20.86
CA VAL B 470 -39.60 -4.75 -20.23
C VAL B 470 -41.04 -5.04 -19.79
N ASP B 471 -41.71 -5.94 -20.49
CA ASP B 471 -43.09 -6.25 -20.16
C ASP B 471 -43.36 -6.80 -18.76
N SER B 472 -42.40 -7.53 -18.18
CA SER B 472 -42.60 -8.10 -16.86
C SER B 472 -42.18 -7.20 -15.70
N ILE B 473 -41.71 -5.99 -16.01
CA ILE B 473 -41.26 -5.03 -15.00
C ILE B 473 -42.40 -4.22 -14.39
N HIS B 474 -42.55 -4.32 -13.07
CA HIS B 474 -43.57 -3.58 -12.34
C HIS B 474 -42.94 -2.27 -11.86
N TRP B 475 -43.41 -1.14 -12.36
CA TRP B 475 -42.83 0.14 -11.95
C TRP B 475 -43.48 0.75 -10.71
N SER B 476 -42.88 1.82 -10.23
CA SER B 476 -43.39 2.55 -9.07
C SER B 476 -44.46 3.47 -9.63
N ARG B 477 -45.69 3.35 -9.13
CA ARG B 477 -46.81 4.18 -9.61
C ARG B 477 -47.26 3.69 -10.99
N ASN B 478 -47.32 2.36 -11.14
CA ASN B 478 -47.76 1.68 -12.37
C ASN B 478 -47.44 2.33 -13.72
N SER B 479 -46.41 3.16 -13.78
CA SER B 479 -46.07 3.80 -15.04
C SER B 479 -44.56 3.89 -15.20
N VAL B 480 -44.05 3.42 -16.33
CA VAL B 480 -42.63 3.46 -16.60
C VAL B 480 -42.13 4.89 -16.40
N PRO B 481 -41.41 5.13 -15.29
CA PRO B 481 -40.84 6.42 -14.88
C PRO B 481 -40.31 7.31 -16.00
N THR B 482 -40.28 8.60 -15.71
CA THR B 482 -39.76 9.62 -16.61
C THR B 482 -38.73 10.34 -15.76
N SER B 483 -37.50 10.42 -16.24
CA SER B 483 -36.47 11.09 -15.46
C SER B 483 -35.62 11.98 -16.33
N GLN B 484 -36.14 13.18 -16.61
CA GLN B 484 -35.43 14.16 -17.44
C GLN B 484 -35.37 15.51 -16.73
N CYS B 485 -34.39 16.32 -17.13
CA CYS B 485 -34.13 17.63 -16.53
C CYS B 485 -35.22 18.69 -16.49
N SER B 486 -35.88 18.94 -17.63
CA SER B 486 -36.90 19.97 -17.69
C SER B 486 -38.31 19.45 -17.89
N ASP B 487 -39.29 20.28 -17.52
CA ASP B 487 -40.70 19.93 -17.66
C ASP B 487 -41.03 19.81 -19.14
N PRO B 488 -41.95 18.89 -19.49
CA PRO B 488 -42.34 18.71 -20.90
C PRO B 488 -43.07 19.93 -21.45
N CYS B 489 -42.85 20.23 -22.71
CA CYS B 489 -43.47 21.38 -23.35
C CYS B 489 -44.97 21.24 -23.56
N ALA B 490 -45.68 22.35 -23.43
CA ALA B 490 -47.11 22.39 -23.63
C ALA B 490 -47.31 22.04 -25.11
N PRO B 491 -48.38 21.30 -25.42
CA PRO B 491 -48.64 20.92 -26.80
C PRO B 491 -49.00 22.11 -27.66
N ASN B 492 -50.20 22.60 -27.40
CA ASN B 492 -50.83 23.73 -28.09
C ASN B 492 -49.93 24.73 -28.80
N GLU B 493 -48.67 24.88 -28.37
CA GLU B 493 -47.84 25.86 -29.04
C GLU B 493 -46.35 25.89 -28.72
N MET B 494 -45.89 25.07 -27.79
CA MET B 494 -44.47 25.11 -27.42
C MET B 494 -43.52 24.21 -28.19
N LYS B 495 -42.31 24.70 -28.39
CA LYS B 495 -41.28 23.96 -29.08
C LYS B 495 -40.18 23.63 -28.09
N ASN B 496 -39.57 22.46 -28.25
CA ASN B 496 -38.49 22.00 -27.37
C ASN B 496 -37.22 22.72 -27.84
N MET B 497 -36.49 23.32 -26.91
CA MET B 497 -35.25 24.02 -27.28
C MET B 497 -34.07 23.60 -26.40
N GLN B 498 -33.04 23.05 -27.03
CA GLN B 498 -31.86 22.60 -26.31
C GLN B 498 -30.80 23.69 -26.18
N PRO B 499 -30.47 24.10 -24.95
CA PRO B 499 -29.45 25.13 -24.72
C PRO B 499 -28.01 24.64 -25.00
N GLY B 500 -27.20 24.56 -23.95
CA GLY B 500 -25.83 24.11 -24.11
C GLY B 500 -25.61 22.62 -23.90
N ASP B 501 -26.36 22.04 -22.96
CA ASP B 501 -26.25 20.61 -22.67
C ASP B 501 -27.22 19.78 -23.49
N VAL B 502 -27.26 18.48 -23.20
CA VAL B 502 -28.14 17.56 -23.91
C VAL B 502 -29.12 16.90 -22.96
N CYS B 503 -29.38 17.58 -21.84
CA CYS B 503 -30.31 17.06 -20.84
C CYS B 503 -31.45 18.03 -20.54
N CYS B 504 -31.12 19.31 -20.44
CA CYS B 504 -32.11 20.34 -20.14
C CYS B 504 -32.52 21.14 -21.37
N TRP B 505 -33.73 21.67 -21.34
CA TRP B 505 -34.25 22.47 -22.45
C TRP B 505 -35.25 23.54 -21.99
N ILE B 506 -35.65 24.40 -22.92
CA ILE B 506 -36.62 25.44 -22.63
C ILE B 506 -37.77 25.29 -23.63
N CYS B 507 -38.97 25.65 -23.20
CA CYS B 507 -40.14 25.56 -24.06
C CYS B 507 -40.59 26.92 -24.57
N ILE B 508 -40.50 27.11 -25.88
CA ILE B 508 -40.87 28.38 -26.50
C ILE B 508 -42.22 28.32 -27.21
N PRO B 509 -43.26 28.95 -26.62
CA PRO B 509 -44.55 28.90 -27.31
C PRO B 509 -44.36 29.55 -28.67
N CYS B 510 -45.09 29.07 -29.66
CA CYS B 510 -44.94 29.63 -30.99
C CYS B 510 -46.01 30.61 -31.38
N GLU B 511 -45.74 31.36 -32.45
CA GLU B 511 -46.68 32.35 -32.95
C GLU B 511 -47.96 31.66 -33.39
N PRO B 512 -49.10 32.34 -33.20
CA PRO B 512 -50.38 31.75 -33.60
C PRO B 512 -50.43 31.28 -35.06
N TYR B 513 -49.54 31.81 -35.90
CA TYR B 513 -49.50 31.44 -37.32
C TYR B 513 -48.42 30.39 -37.64
N GLU B 514 -47.86 29.77 -36.61
CA GLU B 514 -46.84 28.75 -36.77
C GLU B 514 -47.34 27.40 -36.28
N TYR B 515 -46.88 26.34 -36.92
CA TYR B 515 -47.24 25.00 -36.50
C TYR B 515 -45.94 24.30 -36.12
N LEU B 516 -46.04 23.12 -35.53
CA LEU B 516 -44.85 22.38 -35.13
C LEU B 516 -44.44 21.36 -36.19
N VAL B 517 -43.44 21.70 -37.01
CA VAL B 517 -42.96 20.77 -38.04
C VAL B 517 -42.42 19.55 -37.32
N ASP B 518 -41.95 19.77 -36.10
CA ASP B 518 -41.42 18.70 -35.27
C ASP B 518 -41.29 19.23 -33.86
N GLU B 519 -41.16 18.32 -32.91
CA GLU B 519 -41.04 18.65 -31.48
C GLU B 519 -40.23 19.91 -31.12
N PHE B 520 -39.15 20.20 -31.85
CA PHE B 520 -38.34 21.37 -31.52
C PHE B 520 -38.32 22.47 -32.57
N THR B 521 -39.22 22.41 -33.54
CA THR B 521 -39.20 23.44 -34.56
C THR B 521 -40.52 24.06 -34.98
N CYS B 522 -40.57 25.38 -34.91
CA CYS B 522 -41.76 26.08 -35.32
C CYS B 522 -41.57 26.69 -36.67
N MET B 523 -42.60 26.57 -37.50
CA MET B 523 -42.51 27.08 -38.83
C MET B 523 -43.77 27.86 -39.20
N ASP B 524 -43.56 28.93 -39.94
CA ASP B 524 -44.63 29.78 -40.43
C ASP B 524 -45.43 28.96 -41.44
N CYS B 525 -46.75 28.89 -41.26
CA CYS B 525 -47.59 28.13 -42.16
C CYS B 525 -47.59 28.73 -43.56
N GLY B 526 -47.07 29.94 -43.67
CA GLY B 526 -47.03 30.60 -44.96
C GLY B 526 -48.37 31.27 -45.19
N PRO B 527 -48.44 32.18 -46.18
CA PRO B 527 -49.67 32.90 -46.51
C PRO B 527 -50.84 32.01 -46.95
N GLY B 528 -52.05 32.48 -46.65
CA GLY B 528 -53.24 31.74 -47.00
C GLY B 528 -53.48 30.51 -46.15
N GLN B 529 -52.48 30.12 -45.37
CA GLN B 529 -52.63 28.94 -44.51
C GLN B 529 -52.54 29.32 -43.04
N TRP B 530 -53.06 28.45 -42.18
CA TRP B 530 -53.09 28.66 -40.75
C TRP B 530 -52.89 27.31 -40.06
N PRO B 531 -52.24 27.28 -38.90
CA PRO B 531 -52.01 26.03 -38.19
C PRO B 531 -53.27 25.37 -37.64
N THR B 532 -53.27 24.05 -37.61
CA THR B 532 -54.41 23.30 -37.11
C THR B 532 -54.40 23.41 -35.58
N ALA B 533 -55.55 23.19 -34.96
CA ALA B 533 -55.66 23.25 -33.49
C ALA B 533 -54.58 22.37 -32.88
N ASP B 534 -54.32 21.28 -33.58
CA ASP B 534 -53.35 20.24 -33.23
C ASP B 534 -51.89 20.75 -33.40
N LEU B 535 -51.70 21.68 -34.34
CA LEU B 535 -50.39 22.23 -34.69
C LEU B 535 -49.55 21.24 -35.49
N SER B 536 -50.16 20.12 -35.87
CA SER B 536 -49.43 19.11 -36.65
C SER B 536 -49.29 19.52 -38.11
N GLY B 537 -50.21 20.36 -38.59
CA GLY B 537 -50.15 20.80 -39.96
C GLY B 537 -50.78 22.17 -40.17
N CYS B 538 -50.92 22.57 -41.43
CA CYS B 538 -51.52 23.85 -41.80
C CYS B 538 -52.73 23.64 -42.69
N TYR B 539 -53.79 24.42 -42.45
CA TYR B 539 -54.98 24.30 -43.28
C TYR B 539 -55.21 25.64 -43.95
N ASN B 540 -55.99 25.63 -45.04
CA ASN B 540 -56.28 26.85 -45.78
C ASN B 540 -57.27 27.75 -45.07
N LEU B 541 -57.10 29.05 -45.27
CA LEU B 541 -57.99 30.02 -44.65
C LEU B 541 -59.11 30.38 -45.61
N PRO B 542 -60.33 30.55 -45.08
CA PRO B 542 -61.45 30.91 -45.93
C PRO B 542 -61.53 32.44 -46.07
N GLU B 543 -62.72 32.94 -46.38
CA GLU B 543 -62.94 34.39 -46.53
C GLU B 543 -62.20 35.06 -47.68
#